data_5L78
#
_entry.id   5L78
#
_cell.length_a   71.222
_cell.length_b   86.633
_cell.length_c   149.924
_cell.angle_alpha   90.00
_cell.angle_beta   90.00
_cell.angle_gamma   90.00
#
_symmetry.space_group_name_H-M   'P 21 21 21'
#
loop_
_entity.id
_entity.type
_entity.pdbx_description
1 polymer 'Alpha-aminoadipic semialdehyde synthase, mitochondrial'
2 non-polymer 1,2-ETHANEDIOL
3 non-polymer NICOTINAMIDE-ADENINE-DINUCLEOTIDE
4 water water
#
_entity_poly.entity_id   1
_entity_poly.type   'polypeptide(L)'
_entity_poly.pdbx_seq_one_letter_code
;MGHHHHHHSSGVDLGTENLYFQSMALPDKYKYIQTLRESRERAQSLSMGTRRKVLVLGSGYISEPVLEYLSRDGNIEITV
GSDMKNQIEQLGKKYNINPVSMDICKQEEKLGFLVAKQDLVISLLPYVLHPLVAKACITNKVNMVTASYITPALKELEKS
VEDAGITIIGELGLDPGLDHMLAMETIDKAKEVGATIESYISYCGGLPAPEHSNNPLRYKFSWSPVGVLMNVMQSATYLL
DGKVVNVAGGISFLDAVTSMDFFPGLNLEGYPNRDSTKYAEIYGISSAHTLLRGTLRYKGYMKALNGFVKLGLINREALP
AFRPEANPLTWKQLLCDLVGISPSSEHDVLKEAVLKKLGGDNTQLEAAEWLGLLGDEQVPQAESILDALSKHLVMKLSYG
PEEKDMIVMRDSFGIRHPSGHLEHKTIDLVAYGDINGFSAMAKTVGLPTAMAAKMLLDGEIGAKGLMGPFSKEIYGPILE
RIKAEGIIYTTQSTIKP
;
_entity_poly.pdbx_strand_id   A,B
#
# COMPACT_ATOMS: atom_id res chain seq x y z
N ARG A 52 -25.76 -6.11 28.21
CA ARG A 52 -24.84 -5.96 27.08
C ARG A 52 -23.48 -6.60 27.33
N LYS A 53 -23.47 -7.86 27.75
CA LYS A 53 -22.23 -8.58 28.02
C LYS A 53 -21.85 -9.44 26.83
N VAL A 54 -20.59 -9.36 26.43
CA VAL A 54 -20.08 -10.07 25.26
C VAL A 54 -18.83 -10.86 25.64
N LEU A 55 -18.83 -12.15 25.31
CA LEU A 55 -17.71 -13.03 25.53
C LEU A 55 -16.98 -13.30 24.22
N VAL A 56 -15.71 -12.95 24.18
CA VAL A 56 -14.85 -13.24 23.04
C VAL A 56 -14.01 -14.45 23.36
N LEU A 57 -14.18 -15.50 22.58
CA LEU A 57 -13.39 -16.72 22.74
C LEU A 57 -12.20 -16.67 21.80
N GLY A 58 -11.00 -16.81 22.38
CA GLY A 58 -9.76 -16.74 21.62
C GLY A 58 -9.11 -15.38 21.68
N SER A 59 -7.80 -15.33 21.90
CA SER A 59 -7.09 -14.06 22.01
C SER A 59 -5.98 -13.93 20.97
N GLY A 60 -6.16 -14.50 19.78
CA GLY A 60 -5.22 -14.28 18.69
C GLY A 60 -5.16 -12.84 18.18
N TYR A 61 -4.25 -12.54 17.26
CA TYR A 61 -4.13 -11.14 16.89
C TYR A 61 -5.32 -10.67 16.08
N ILE A 62 -6.18 -11.58 15.64
CA ILE A 62 -7.42 -11.17 15.01
C ILE A 62 -8.38 -10.60 16.05
N SER A 63 -8.14 -10.88 17.33
CA SER A 63 -9.04 -10.40 18.38
C SER A 63 -8.88 -8.90 18.68
N GLU A 64 -7.68 -8.35 18.50
CA GLU A 64 -7.47 -6.98 18.93
C GLU A 64 -8.32 -5.97 18.17
N PRO A 65 -8.41 -6.01 16.84
CA PRO A 65 -9.27 -5.05 16.13
C PRO A 65 -10.74 -5.23 16.43
N VAL A 66 -11.11 -6.36 17.01
CA VAL A 66 -12.49 -6.57 17.46
C VAL A 66 -12.73 -5.87 18.78
N LEU A 67 -11.87 -6.14 19.76
CA LEU A 67 -11.96 -5.46 21.05
C LEU A 67 -11.99 -3.96 20.86
N GLU A 68 -11.06 -3.45 20.05
CA GLU A 68 -11.01 -2.02 19.81
C GLU A 68 -12.35 -1.51 19.28
N TYR A 69 -12.94 -2.22 18.32
CA TYR A 69 -14.17 -1.73 17.72
C TYR A 69 -15.34 -1.77 18.70
N LEU A 70 -15.45 -2.82 19.50
CA LEU A 70 -16.60 -2.90 20.41
C LEU A 70 -16.40 -2.03 21.63
N SER A 71 -15.15 -1.76 22.02
CA SER A 71 -14.84 -0.93 23.19
C SER A 71 -15.23 0.53 23.01
N ARG A 72 -15.53 0.95 21.79
CA ARG A 72 -15.61 2.38 21.50
C ARG A 72 -16.67 3.07 22.34
N ASP A 73 -17.86 2.48 22.42
CA ASP A 73 -18.93 3.14 23.16
C ASP A 73 -18.86 2.93 24.68
N GLY A 74 -18.10 1.95 25.15
CA GLY A 74 -18.03 1.76 26.58
C GLY A 74 -19.24 1.13 27.22
N ASN A 75 -20.29 0.83 26.44
CA ASN A 75 -21.49 0.18 26.94
C ASN A 75 -21.53 -1.31 26.62
N ILE A 76 -20.37 -1.94 26.47
CA ILE A 76 -20.30 -3.36 26.15
C ILE A 76 -19.30 -4.01 27.09
N GLU A 77 -19.78 -4.94 27.91
CA GLU A 77 -18.92 -5.59 28.90
C GLU A 77 -18.22 -6.76 28.25
N ILE A 78 -16.92 -6.63 28.06
CA ILE A 78 -16.15 -7.55 27.24
C ILE A 78 -15.45 -8.54 28.14
N THR A 79 -15.72 -9.82 27.91
CA THR A 79 -14.99 -10.88 28.57
C THR A 79 -14.16 -11.60 27.51
N VAL A 80 -12.93 -11.95 27.85
CA VAL A 80 -12.02 -12.64 26.93
C VAL A 80 -11.57 -13.94 27.56
N GLY A 81 -11.62 -15.01 26.80
CA GLY A 81 -11.15 -16.30 27.29
C GLY A 81 -10.26 -16.99 26.28
N SER A 82 -9.20 -17.61 26.79
CA SER A 82 -8.32 -18.41 25.94
C SER A 82 -7.32 -19.16 26.84
N ASP A 83 -6.49 -19.99 26.20
CA ASP A 83 -5.53 -20.86 26.86
C ASP A 83 -4.12 -20.28 26.94
N MET A 84 -3.89 -19.06 26.47
CA MET A 84 -2.61 -18.37 26.64
C MET A 84 -2.81 -17.14 27.51
N LYS A 85 -2.50 -17.25 28.81
CA LYS A 85 -2.75 -16.17 29.74
C LYS A 85 -1.99 -14.91 29.35
N ASN A 86 -0.83 -15.07 28.72
CA ASN A 86 -0.09 -13.91 28.23
C ASN A 86 -0.91 -13.11 27.23
N GLN A 87 -1.42 -13.76 26.18
CA GLN A 87 -2.23 -13.03 25.21
C GLN A 87 -3.30 -12.18 25.89
N ILE A 88 -3.98 -12.75 26.87
CA ILE A 88 -5.04 -12.00 27.57
C ILE A 88 -4.46 -10.90 28.45
N GLU A 89 -3.29 -11.13 29.07
CA GLU A 89 -2.68 -10.08 29.89
C GLU A 89 -2.33 -8.86 29.04
N GLN A 90 -1.71 -9.08 27.88
CA GLN A 90 -1.38 -7.95 27.03
C GLN A 90 -2.64 -7.22 26.58
N LEU A 91 -3.64 -7.97 26.14
CA LEU A 91 -4.87 -7.32 25.68
C LEU A 91 -5.51 -6.53 26.81
N GLY A 92 -5.41 -7.04 28.04
CA GLY A 92 -6.00 -6.35 29.18
C GLY A 92 -5.36 -5.00 29.43
N LYS A 93 -4.12 -4.84 29.00
CA LYS A 93 -3.47 -3.53 29.12
C LYS A 93 -4.09 -2.51 28.19
N LYS A 94 -4.59 -2.92 27.04
CA LYS A 94 -5.12 -1.95 26.08
C LYS A 94 -6.64 -1.77 26.15
N TYR A 95 -7.38 -2.73 26.69
CA TYR A 95 -8.85 -2.66 26.70
C TYR A 95 -9.37 -3.17 28.03
N ASN A 96 -10.49 -2.59 28.46
CA ASN A 96 -11.12 -3.01 29.70
C ASN A 96 -11.88 -4.32 29.46
N ILE A 97 -11.32 -5.42 29.98
CA ILE A 97 -11.87 -6.74 29.70
C ILE A 97 -11.72 -7.63 30.93
N ASN A 98 -12.76 -8.44 31.19
CA ASN A 98 -12.66 -9.49 32.21
C ASN A 98 -11.91 -10.65 31.58
N PRO A 99 -10.71 -10.97 32.07
CA PRO A 99 -9.95 -12.11 31.54
C PRO A 99 -10.33 -13.42 32.19
N VAL A 100 -10.34 -14.48 31.36
CA VAL A 100 -10.64 -15.84 31.82
C VAL A 100 -9.68 -16.79 31.13
N SER A 101 -8.93 -17.57 31.91
CA SER A 101 -8.05 -18.57 31.35
C SER A 101 -8.79 -19.90 31.29
N MET A 102 -8.82 -20.49 30.11
CA MET A 102 -9.65 -21.66 29.90
C MET A 102 -9.19 -22.38 28.66
N ASP A 103 -9.15 -23.70 28.73
CA ASP A 103 -8.89 -24.56 27.58
C ASP A 103 -10.25 -25.10 27.16
N ILE A 104 -10.83 -24.50 26.11
CA ILE A 104 -12.20 -24.82 25.75
C ILE A 104 -12.33 -26.30 25.46
N CYS A 105 -11.29 -26.91 24.91
CA CYS A 105 -11.37 -28.33 24.58
C CYS A 105 -11.52 -29.17 25.84
N LYS A 106 -10.73 -28.86 26.87
CA LYS A 106 -10.74 -29.68 28.07
C LYS A 106 -11.87 -29.27 29.03
N GLN A 107 -12.08 -27.99 29.24
CA GLN A 107 -13.04 -27.52 30.23
C GLN A 107 -14.35 -27.09 29.60
N GLU A 108 -14.93 -27.94 28.77
CA GLU A 108 -16.13 -27.56 28.05
C GLU A 108 -17.31 -27.26 28.98
N GLU A 109 -17.20 -27.56 30.28
CA GLU A 109 -18.29 -27.26 31.21
C GLU A 109 -18.12 -25.88 31.84
N LYS A 110 -16.91 -25.56 32.31
CA LYS A 110 -16.63 -24.19 32.70
C LYS A 110 -16.97 -23.24 31.56
N LEU A 111 -16.80 -23.71 30.31
CA LEU A 111 -17.22 -22.91 29.16
C LEU A 111 -18.73 -22.72 29.12
N GLY A 112 -19.49 -23.76 29.44
CA GLY A 112 -20.94 -23.63 29.41
C GLY A 112 -21.41 -22.64 30.45
N PHE A 113 -20.86 -22.75 31.66
CA PHE A 113 -21.18 -21.79 32.72
C PHE A 113 -20.83 -20.37 32.30
N LEU A 114 -19.64 -20.18 31.75
CA LEU A 114 -19.27 -18.86 31.25
C LEU A 114 -20.22 -18.40 30.16
N VAL A 115 -20.55 -19.28 29.22
CA VAL A 115 -21.39 -18.88 28.11
C VAL A 115 -22.74 -18.39 28.59
N ALA A 116 -23.29 -19.07 29.61
CA ALA A 116 -24.63 -18.74 30.10
C ALA A 116 -24.76 -17.30 30.58
N LYS A 117 -23.66 -16.66 30.96
CA LYS A 117 -23.65 -15.31 31.52
C LYS A 117 -23.65 -14.19 30.47
N GLN A 118 -23.56 -14.51 29.19
CA GLN A 118 -23.32 -13.50 28.16
C GLN A 118 -24.58 -13.24 27.35
N ASP A 119 -24.59 -12.09 26.67
CA ASP A 119 -25.55 -11.75 25.64
C ASP A 119 -25.08 -12.12 24.23
N LEU A 120 -23.80 -12.39 24.06
CA LEU A 120 -23.26 -12.67 22.73
C LEU A 120 -21.90 -13.32 22.91
N VAL A 121 -21.62 -14.30 22.05
CA VAL A 121 -20.33 -14.97 22.03
C VAL A 121 -19.75 -14.82 20.63
N ILE A 122 -18.51 -14.33 20.57
CA ILE A 122 -17.73 -14.19 19.35
C ILE A 122 -16.60 -15.21 19.43
N SER A 123 -16.65 -16.23 18.58
CA SER A 123 -15.63 -17.28 18.60
C SER A 123 -14.51 -16.91 17.65
N LEU A 124 -13.35 -16.61 18.19
CA LEU A 124 -12.15 -16.41 17.39
C LEU A 124 -11.18 -17.55 17.59
N LEU A 125 -11.72 -18.74 17.90
CA LEU A 125 -10.95 -19.95 18.10
C LEU A 125 -10.73 -20.65 16.77
N PRO A 126 -9.74 -21.52 16.70
CA PRO A 126 -9.65 -22.44 15.57
C PRO A 126 -11.00 -23.10 15.31
N TYR A 127 -11.37 -23.18 14.03
CA TYR A 127 -12.76 -23.50 13.69
C TYR A 127 -13.23 -24.88 14.16
N VAL A 128 -12.31 -25.80 14.48
CA VAL A 128 -12.75 -27.10 14.97
C VAL A 128 -13.59 -26.93 16.23
N LEU A 129 -13.21 -25.96 17.06
CA LEU A 129 -13.87 -25.76 18.33
C LEU A 129 -15.23 -25.09 18.23
N HIS A 130 -15.55 -24.48 17.09
CA HIS A 130 -16.83 -23.78 16.98
C HIS A 130 -18.02 -24.63 17.38
N PRO A 131 -18.08 -25.92 17.03
CA PRO A 131 -19.25 -26.71 17.44
C PRO A 131 -19.44 -26.76 18.96
N LEU A 132 -18.36 -26.95 19.73
CA LEU A 132 -18.47 -26.92 21.18
C LEU A 132 -19.08 -25.60 21.66
N VAL A 133 -18.65 -24.49 21.06
CA VAL A 133 -19.15 -23.19 21.44
C VAL A 133 -20.61 -23.02 21.04
N ALA A 134 -20.98 -23.53 19.87
CA ALA A 134 -22.37 -23.39 19.44
C ALA A 134 -23.29 -24.19 20.34
N LYS A 135 -22.79 -25.34 20.82
CA LYS A 135 -23.58 -26.19 21.72
C LYS A 135 -23.92 -25.44 23.00
N ALA A 136 -22.90 -24.86 23.65
CA ALA A 136 -23.13 -24.03 24.83
C ALA A 136 -24.07 -22.88 24.52
N CYS A 137 -23.94 -22.27 23.34
CA CYS A 137 -24.84 -21.16 23.03
C CYS A 137 -26.25 -21.64 22.80
N ILE A 138 -26.41 -22.82 22.20
CA ILE A 138 -27.75 -23.33 21.92
C ILE A 138 -28.48 -23.67 23.21
N THR A 139 -27.85 -24.42 24.11
CA THR A 139 -28.51 -24.75 25.37
C THR A 139 -28.84 -23.49 26.16
N ASN A 140 -27.94 -22.49 26.15
CA ASN A 140 -28.11 -21.29 26.97
C ASN A 140 -28.82 -20.15 26.27
N LYS A 141 -29.25 -20.34 25.02
CA LYS A 141 -30.00 -19.32 24.27
C LYS A 141 -29.20 -18.02 24.12
N VAL A 142 -27.94 -18.14 23.71
CA VAL A 142 -27.08 -16.98 23.51
C VAL A 142 -26.69 -16.91 22.04
N ASN A 143 -26.79 -15.71 21.46
CA ASN A 143 -26.37 -15.45 20.09
C ASN A 143 -24.86 -15.60 19.93
N MET A 144 -24.45 -15.91 18.70
CA MET A 144 -23.05 -16.22 18.42
C MET A 144 -22.68 -15.76 17.02
N VAL A 145 -21.40 -15.40 16.84
CA VAL A 145 -20.83 -15.06 15.54
C VAL A 145 -19.43 -15.66 15.44
N THR A 146 -19.03 -16.02 14.22
CA THR A 146 -17.70 -16.53 13.94
C THR A 146 -17.22 -15.98 12.61
N ALA A 147 -15.92 -16.11 12.37
CA ALA A 147 -15.32 -15.67 11.12
C ALA A 147 -14.88 -16.86 10.27
N SER A 148 -15.65 -17.94 10.30
CA SER A 148 -15.20 -19.20 9.72
C SER A 148 -16.29 -19.88 8.92
N TYR A 149 -15.86 -20.77 8.04
CA TYR A 149 -16.81 -21.53 7.22
C TYR A 149 -17.76 -22.27 8.12
N ILE A 150 -19.03 -22.22 7.77
CA ILE A 150 -20.03 -23.04 8.46
C ILE A 150 -19.82 -24.47 7.98
N THR A 151 -19.30 -25.33 8.86
CA THR A 151 -18.91 -26.69 8.53
C THR A 151 -20.12 -27.62 8.50
N PRO A 152 -19.96 -28.80 7.91
CA PRO A 152 -21.04 -29.79 8.04
C PRO A 152 -21.37 -30.07 9.49
N ALA A 153 -20.35 -30.19 10.34
CA ALA A 153 -20.57 -30.37 11.77
C ALA A 153 -21.48 -29.28 12.32
N LEU A 154 -21.12 -28.03 12.11
CA LEU A 154 -21.92 -26.96 12.67
C LEU A 154 -23.29 -26.91 12.02
N LYS A 155 -23.39 -27.28 10.74
CA LYS A 155 -24.69 -27.26 10.07
C LYS A 155 -25.60 -28.39 10.54
N GLU A 156 -25.03 -29.50 11.03
CA GLU A 156 -25.83 -30.54 11.66
C GLU A 156 -26.74 -30.00 12.76
N LEU A 157 -26.34 -28.87 13.38
CA LEU A 157 -27.09 -28.28 14.49
C LEU A 157 -28.15 -27.29 14.06
N GLU A 158 -28.38 -27.13 12.76
CA GLU A 158 -29.14 -25.97 12.33
C GLU A 158 -30.53 -25.95 12.91
N LYS A 159 -31.13 -27.10 13.17
CA LYS A 159 -32.53 -27.03 13.56
C LYS A 159 -32.68 -26.54 15.00
N SER A 160 -31.89 -27.09 15.93
CA SER A 160 -31.99 -26.62 17.32
C SER A 160 -31.68 -25.13 17.42
N VAL A 161 -30.78 -24.64 16.57
CA VAL A 161 -30.47 -23.22 16.60
C VAL A 161 -31.73 -22.43 16.32
N GLU A 162 -32.57 -22.94 15.41
CA GLU A 162 -33.86 -22.32 15.20
C GLU A 162 -34.85 -22.68 16.29
N ASP A 163 -34.65 -23.81 16.98
CA ASP A 163 -35.51 -24.12 18.11
C ASP A 163 -35.14 -23.31 19.34
N ALA A 164 -33.83 -23.08 19.54
CA ALA A 164 -33.40 -22.25 20.66
C ALA A 164 -33.71 -20.77 20.44
N GLY A 165 -34.09 -20.38 19.22
CA GLY A 165 -34.45 -19.00 18.95
C GLY A 165 -33.32 -18.02 18.98
N ILE A 166 -32.08 -18.49 18.81
CA ILE A 166 -30.92 -17.63 18.82
C ILE A 166 -30.51 -17.36 17.37
N THR A 167 -29.58 -16.43 17.20
CA THR A 167 -28.97 -16.17 15.90
C THR A 167 -27.50 -16.48 15.95
N ILE A 168 -27.02 -17.23 14.97
CA ILE A 168 -25.59 -17.54 14.81
C ILE A 168 -25.16 -17.11 13.42
N ILE A 169 -24.30 -16.10 13.34
CA ILE A 169 -23.82 -15.62 12.05
C ILE A 169 -22.38 -16.04 11.87
N GLY A 170 -22.11 -16.91 10.89
CA GLY A 170 -20.77 -17.32 10.56
C GLY A 170 -20.28 -16.72 9.25
N GLU A 171 -19.08 -17.14 8.85
CA GLU A 171 -18.51 -16.75 7.56
C GLU A 171 -18.48 -15.22 7.43
N LEU A 172 -18.09 -14.58 8.53
CA LEU A 172 -17.70 -13.19 8.53
C LEU A 172 -16.17 -13.14 8.40
N GLY A 173 -15.63 -11.97 8.14
CA GLY A 173 -14.21 -11.94 7.94
C GLY A 173 -13.84 -11.56 6.52
N LEU A 174 -12.69 -12.03 6.04
CA LEU A 174 -12.23 -11.66 4.69
C LEU A 174 -12.67 -12.69 3.66
N ASP A 175 -12.16 -13.91 3.77
CA ASP A 175 -12.47 -15.02 2.91
C ASP A 175 -12.61 -16.26 3.77
N PRO A 176 -13.85 -16.63 4.12
CA PRO A 176 -15.09 -15.99 3.67
C PRO A 176 -15.43 -14.70 4.41
N GLY A 177 -16.49 -14.04 3.94
CA GLY A 177 -16.91 -12.80 4.55
C GLY A 177 -17.07 -11.68 3.55
N LEU A 178 -16.06 -10.80 3.46
CA LEU A 178 -16.16 -9.67 2.55
C LEU A 178 -16.34 -10.12 1.12
N ASP A 179 -15.74 -11.25 0.76
CA ASP A 179 -15.98 -11.78 -0.58
C ASP A 179 -17.48 -12.03 -0.79
N HIS A 180 -18.12 -12.76 0.14
CA HIS A 180 -19.57 -12.97 0.05
C HIS A 180 -20.29 -11.63 -0.08
N MET A 181 -19.96 -10.68 0.79
CA MET A 181 -20.71 -9.44 0.86
C MET A 181 -20.56 -8.62 -0.41
N LEU A 182 -19.37 -8.59 -1.00
CA LEU A 182 -19.22 -7.82 -2.22
C LEU A 182 -19.98 -8.48 -3.35
N ALA A 183 -19.90 -9.81 -3.44
CA ALA A 183 -20.60 -10.53 -4.48
C ALA A 183 -22.11 -10.35 -4.33
N MET A 184 -22.64 -10.60 -3.14
CA MET A 184 -24.08 -10.49 -2.95
C MET A 184 -24.57 -9.08 -3.23
N GLU A 185 -23.80 -8.07 -2.82
CA GLU A 185 -24.22 -6.70 -3.05
C GLU A 185 -24.53 -6.47 -4.51
N THR A 186 -23.59 -6.84 -5.39
CA THR A 186 -23.79 -6.55 -6.79
C THR A 186 -24.68 -7.59 -7.48
N ILE A 187 -24.69 -8.84 -7.02
CA ILE A 187 -25.63 -9.81 -7.57
C ILE A 187 -27.07 -9.36 -7.31
N ASP A 188 -27.34 -8.86 -6.11
CA ASP A 188 -28.68 -8.36 -5.80
C ASP A 188 -28.99 -7.09 -6.60
N LYS A 189 -28.01 -6.18 -6.73
CA LYS A 189 -28.23 -4.95 -7.47
C LYS A 189 -28.60 -5.24 -8.92
N ALA A 190 -28.03 -6.30 -9.49
CA ALA A 190 -28.40 -6.72 -10.84
C ALA A 190 -29.83 -7.23 -10.88
N LYS A 191 -30.24 -8.01 -9.87
CA LYS A 191 -31.58 -8.58 -9.92
C LYS A 191 -32.62 -7.49 -9.72
N GLU A 192 -32.29 -6.44 -8.97
CA GLU A 192 -33.27 -5.37 -8.80
C GLU A 192 -33.55 -4.63 -10.10
N VAL A 193 -32.75 -4.85 -11.14
CA VAL A 193 -33.02 -4.22 -12.42
C VAL A 193 -33.31 -5.26 -13.50
N GLY A 194 -33.76 -6.46 -13.10
CA GLY A 194 -34.12 -7.50 -14.04
C GLY A 194 -32.96 -8.14 -14.78
N ALA A 195 -31.73 -7.93 -14.34
CA ALA A 195 -30.57 -8.50 -14.98
C ALA A 195 -30.29 -9.91 -14.48
N THR A 196 -29.40 -10.59 -15.17
CA THR A 196 -29.01 -11.97 -14.87
C THR A 196 -27.50 -12.06 -14.88
N ILE A 197 -26.95 -12.89 -13.99
CA ILE A 197 -25.50 -13.07 -13.88
C ILE A 197 -25.05 -14.18 -14.83
N GLU A 198 -24.19 -13.83 -15.78
CA GLU A 198 -23.67 -14.81 -16.73
C GLU A 198 -22.27 -15.29 -16.37
N SER A 199 -21.48 -14.49 -15.68
CA SER A 199 -20.16 -14.93 -15.28
C SER A 199 -19.79 -14.24 -13.98
N TYR A 200 -19.02 -14.95 -13.16
CA TYR A 200 -18.49 -14.43 -11.91
C TYR A 200 -17.07 -14.94 -11.76
N ILE A 201 -16.10 -14.03 -11.75
CA ILE A 201 -14.70 -14.36 -11.48
C ILE A 201 -14.19 -13.47 -10.35
N SER A 202 -13.80 -14.10 -9.25
CA SER A 202 -13.38 -13.42 -8.03
C SER A 202 -12.00 -13.92 -7.63
N TYR A 203 -11.07 -13.00 -7.36
CA TYR A 203 -9.75 -13.38 -6.87
C TYR A 203 -9.42 -12.61 -5.61
N CYS A 204 -8.76 -13.28 -4.67
CA CYS A 204 -8.45 -12.64 -3.40
C CYS A 204 -7.12 -13.18 -2.91
N GLY A 205 -6.46 -12.40 -2.09
CA GLY A 205 -5.22 -12.80 -1.50
C GLY A 205 -4.77 -11.77 -0.49
N GLY A 206 -4.31 -12.24 0.67
CA GLY A 206 -3.60 -11.41 1.60
C GLY A 206 -2.13 -11.62 1.34
N LEU A 207 -1.42 -10.53 1.11
CA LEU A 207 0.00 -10.53 0.79
C LEU A 207 0.70 -9.48 1.61
N PRO A 208 2.03 -9.49 1.59
CA PRO A 208 2.77 -8.35 2.09
C PRO A 208 2.61 -7.17 1.15
N ALA A 209 2.69 -5.96 1.71
CA ALA A 209 2.78 -4.80 0.86
C ALA A 209 3.98 -4.99 -0.07
N PRO A 210 3.91 -4.50 -1.30
CA PRO A 210 4.94 -4.88 -2.29
C PRO A 210 6.36 -4.63 -1.85
N GLU A 211 6.62 -3.60 -1.03
CA GLU A 211 7.99 -3.29 -0.65
C GLU A 211 8.62 -4.35 0.25
N HIS A 212 7.82 -5.28 0.75
CA HIS A 212 8.32 -6.35 1.60
C HIS A 212 8.27 -7.70 0.88
N SER A 213 8.39 -7.70 -0.44
CA SER A 213 8.19 -8.91 -1.22
C SER A 213 9.49 -9.54 -1.69
N ASN A 214 10.63 -9.02 -1.27
CA ASN A 214 11.89 -9.57 -1.74
C ASN A 214 12.32 -10.69 -0.81
N ASN A 215 11.73 -11.86 -1.04
CA ASN A 215 12.24 -13.11 -0.51
C ASN A 215 11.86 -14.20 -1.50
N PRO A 216 12.44 -15.39 -1.37
CA PRO A 216 12.20 -16.48 -2.35
C PRO A 216 10.74 -16.80 -2.57
N LEU A 217 9.91 -16.74 -1.52
CA LEU A 217 8.48 -17.00 -1.62
C LEU A 217 7.66 -15.76 -1.95
N ARG A 218 8.27 -14.58 -1.97
CA ARG A 218 7.53 -13.34 -2.16
C ARG A 218 6.36 -13.25 -1.17
N TYR A 219 6.55 -13.77 0.04
CA TYR A 219 5.42 -13.89 0.95
C TYR A 219 5.85 -13.70 2.39
N LYS A 220 4.91 -13.29 3.23
CA LYS A 220 5.10 -13.28 4.68
C LYS A 220 3.81 -13.77 5.32
N PHE A 221 3.95 -14.60 6.36
CA PHE A 221 2.84 -15.39 6.89
C PHE A 221 2.24 -14.71 8.11
N SER A 222 0.93 -14.45 8.05
CA SER A 222 0.28 -13.81 9.18
C SER A 222 0.02 -14.78 10.33
N TRP A 223 -0.03 -16.08 10.05
CA TRP A 223 -0.21 -17.12 11.05
C TRP A 223 0.33 -18.42 10.44
N SER A 224 0.16 -19.54 11.15
CA SER A 224 0.73 -20.80 10.67
C SER A 224 0.12 -21.18 9.33
N PRO A 225 0.94 -21.45 8.30
CA PRO A 225 0.42 -21.88 7.01
C PRO A 225 0.07 -23.35 6.93
N VAL A 226 0.01 -24.04 8.08
CA VAL A 226 -0.22 -25.48 8.06
C VAL A 226 -1.40 -25.82 7.17
N GLY A 227 -2.46 -25.00 7.21
CA GLY A 227 -3.67 -25.34 6.45
C GLY A 227 -3.52 -25.14 4.94
N VAL A 228 -3.09 -23.97 4.53
CA VAL A 228 -3.12 -23.65 3.11
C VAL A 228 -2.10 -24.47 2.35
N LEU A 229 -0.90 -24.64 2.93
CA LEU A 229 0.16 -25.38 2.26
C LEU A 229 -0.35 -26.70 1.73
N MET A 230 -1.07 -27.45 2.58
CA MET A 230 -1.56 -28.77 2.19
C MET A 230 -2.53 -28.67 1.03
N ASN A 231 -3.21 -27.52 0.92
CA ASN A 231 -4.19 -27.32 -0.13
C ASN A 231 -3.58 -27.37 -1.53
N VAL A 232 -2.28 -27.17 -1.66
CA VAL A 232 -1.66 -27.28 -2.98
C VAL A 232 -1.74 -28.69 -3.55
N MET A 233 -1.95 -29.69 -2.71
CA MET A 233 -2.06 -31.06 -3.21
C MET A 233 -3.47 -31.41 -3.69
N GLN A 234 -4.40 -30.46 -3.59
CA GLN A 234 -5.79 -30.68 -3.93
C GLN A 234 -6.06 -30.42 -5.41
N SER A 235 -7.10 -31.09 -5.92
CA SER A 235 -7.60 -30.66 -7.21
C SER A 235 -8.51 -29.45 -6.99
N ALA A 236 -8.69 -28.69 -8.04
CA ALA A 236 -9.59 -27.56 -8.02
C ALA A 236 -10.68 -27.80 -9.05
N THR A 237 -11.84 -27.25 -8.79
CA THR A 237 -12.99 -27.39 -9.67
C THR A 237 -13.62 -26.02 -9.86
N TYR A 238 -14.00 -25.68 -11.09
CA TYR A 238 -14.75 -24.46 -11.35
C TYR A 238 -15.52 -24.60 -12.66
N LEU A 239 -16.23 -23.54 -13.03
CA LEU A 239 -17.11 -23.51 -14.19
C LEU A 239 -16.60 -22.47 -15.16
N LEU A 240 -16.44 -22.88 -16.41
CA LEU A 240 -15.96 -21.97 -17.45
C LEU A 240 -16.73 -22.28 -18.73
N ASP A 241 -17.38 -21.27 -19.28
CA ASP A 241 -18.07 -21.41 -20.56
C ASP A 241 -18.97 -22.64 -20.57
N GLY A 242 -19.71 -22.85 -19.48
CA GLY A 242 -20.70 -23.92 -19.43
C GLY A 242 -20.17 -25.29 -19.08
N LYS A 243 -18.86 -25.47 -19.09
CA LYS A 243 -18.25 -26.77 -18.83
C LYS A 243 -17.61 -26.76 -17.45
N VAL A 244 -17.84 -27.84 -16.69
CA VAL A 244 -17.19 -27.99 -15.40
C VAL A 244 -15.74 -28.36 -15.66
N VAL A 245 -14.81 -27.57 -15.12
CA VAL A 245 -13.38 -27.76 -15.34
C VAL A 245 -12.75 -28.27 -14.03
N ASN A 246 -11.90 -29.28 -14.14
CA ASN A 246 -11.19 -29.87 -12.99
C ASN A 246 -9.70 -29.86 -13.26
N VAL A 247 -8.92 -29.37 -12.31
CA VAL A 247 -7.46 -29.32 -12.44
C VAL A 247 -6.83 -30.03 -11.25
N ALA A 248 -5.86 -30.89 -11.55
CA ALA A 248 -5.27 -31.71 -10.51
C ALA A 248 -4.18 -30.96 -9.77
N GLY A 249 -4.11 -31.21 -8.46
CA GLY A 249 -3.15 -30.58 -7.59
C GLY A 249 -1.78 -31.24 -7.67
N GLY A 250 -1.00 -31.07 -6.60
CA GLY A 250 0.33 -31.66 -6.57
C GLY A 250 1.28 -30.97 -7.53
N ILE A 251 2.17 -31.77 -8.14
CA ILE A 251 3.24 -31.21 -8.95
C ILE A 251 2.68 -30.50 -10.18
N SER A 252 1.57 -30.97 -10.69
CA SER A 252 1.02 -30.40 -11.90
C SER A 252 0.20 -29.15 -11.62
N PHE A 253 -0.03 -28.82 -10.35
CA PHE A 253 -0.85 -27.64 -10.05
C PHE A 253 -0.19 -26.34 -10.51
N LEU A 254 1.14 -26.32 -10.63
CA LEU A 254 1.79 -25.11 -11.14
C LEU A 254 1.33 -24.77 -12.55
N ASP A 255 0.78 -25.73 -13.30
CA ASP A 255 0.32 -25.44 -14.65
C ASP A 255 -0.94 -24.57 -14.64
N ALA A 256 -1.79 -24.73 -13.63
CA ALA A 256 -2.98 -23.90 -13.51
C ALA A 256 -2.66 -22.48 -13.11
N VAL A 257 -1.49 -22.25 -12.49
CA VAL A 257 -1.15 -20.91 -12.04
C VAL A 257 -1.08 -20.00 -13.26
N THR A 258 -1.54 -18.77 -13.10
CA THR A 258 -1.59 -17.84 -14.22
C THR A 258 -1.25 -16.44 -13.77
N SER A 259 -0.88 -15.63 -14.74
CA SER A 259 -0.53 -14.24 -14.50
C SER A 259 -1.80 -13.40 -14.36
N MET A 260 -1.89 -12.65 -13.27
CA MET A 260 -3.05 -11.78 -13.02
C MET A 260 -2.62 -10.37 -13.35
N ASP A 261 -3.01 -9.88 -14.55
CA ASP A 261 -2.53 -8.58 -15.00
C ASP A 261 -3.57 -7.47 -14.84
N PHE A 262 -4.30 -7.46 -13.73
CA PHE A 262 -5.19 -6.33 -13.48
C PHE A 262 -4.41 -5.04 -13.43
N PHE A 263 -3.30 -5.04 -12.69
CA PHE A 263 -2.57 -3.83 -12.34
C PHE A 263 -1.16 -3.91 -12.90
N PRO A 264 -0.86 -3.15 -13.92
CA PRO A 264 0.49 -3.23 -14.51
C PRO A 264 1.59 -3.05 -13.48
N GLY A 265 1.34 -2.30 -12.42
CA GLY A 265 2.40 -2.07 -11.45
C GLY A 265 2.67 -3.23 -10.51
N LEU A 266 1.79 -4.22 -10.47
CA LEU A 266 1.89 -5.29 -9.50
C LEU A 266 2.12 -6.62 -10.23
N ASN A 267 3.01 -7.45 -9.69
CA ASN A 267 3.29 -8.76 -10.31
C ASN A 267 2.52 -9.84 -9.58
N LEU A 268 1.29 -10.08 -10.05
CA LEU A 268 0.37 -11.03 -9.45
C LEU A 268 0.24 -12.28 -10.30
N GLU A 269 0.25 -13.41 -9.61
CA GLU A 269 -0.18 -14.67 -10.20
C GLU A 269 -1.43 -15.09 -9.47
N GLY A 270 -2.28 -15.85 -10.15
CA GLY A 270 -3.48 -16.36 -9.54
C GLY A 270 -3.62 -17.84 -9.85
N TYR A 271 -4.40 -18.50 -9.01
CA TYR A 271 -4.71 -19.91 -9.26
C TYR A 271 -6.05 -20.21 -8.64
N PRO A 272 -6.79 -21.18 -9.18
CA PRO A 272 -8.17 -21.38 -8.73
C PRO A 272 -8.24 -22.06 -7.38
N ASN A 273 -9.29 -21.73 -6.62
CA ASN A 273 -9.56 -22.36 -5.33
C ASN A 273 -10.06 -23.80 -5.54
N ARG A 274 -10.40 -24.47 -4.44
CA ARG A 274 -10.78 -25.86 -4.57
C ARG A 274 -12.11 -26.04 -5.31
N ASP A 275 -13.11 -25.18 -5.06
CA ASP A 275 -14.41 -25.54 -5.62
C ASP A 275 -15.15 -24.52 -6.46
N SER A 276 -15.54 -23.36 -5.96
CA SER A 276 -16.17 -22.41 -6.89
C SER A 276 -17.55 -22.84 -7.44
N THR A 277 -17.71 -24.10 -7.89
CA THR A 277 -18.99 -24.52 -8.47
C THR A 277 -20.11 -24.42 -7.46
N LYS A 278 -19.77 -24.53 -6.17
CA LYS A 278 -20.75 -24.41 -5.10
C LYS A 278 -21.42 -23.06 -5.06
N TYR A 279 -20.85 -22.06 -5.72
CA TYR A 279 -21.40 -20.73 -5.52
C TYR A 279 -22.65 -20.48 -6.33
N ALA A 280 -22.95 -21.31 -7.32
CA ALA A 280 -24.22 -21.15 -8.01
C ALA A 280 -25.37 -21.22 -7.02
N GLU A 281 -25.43 -22.28 -6.21
CA GLU A 281 -26.46 -22.34 -5.19
C GLU A 281 -26.26 -21.26 -4.13
N ILE A 282 -25.03 -21.10 -3.65
CA ILE A 282 -24.79 -20.21 -2.51
C ILE A 282 -25.20 -18.79 -2.82
N TYR A 283 -24.93 -18.31 -4.04
CA TYR A 283 -25.21 -16.92 -4.39
C TYR A 283 -26.47 -16.74 -5.24
N GLY A 284 -27.09 -17.84 -5.71
CA GLY A 284 -28.27 -17.78 -6.55
C GLY A 284 -28.06 -17.43 -7.99
N ILE A 285 -26.95 -17.85 -8.59
CA ILE A 285 -26.59 -17.49 -9.95
C ILE A 285 -26.49 -18.75 -10.79
N SER A 286 -27.55 -19.56 -10.74
CA SER A 286 -27.62 -20.76 -11.54
C SER A 286 -27.55 -20.51 -13.05
N SER A 287 -27.80 -19.31 -13.51
CA SER A 287 -27.75 -19.07 -14.93
C SER A 287 -26.32 -18.81 -15.46
N ALA A 288 -25.35 -18.52 -14.58
CA ALA A 288 -24.01 -18.14 -15.04
C ALA A 288 -23.29 -19.30 -15.70
N HIS A 289 -22.55 -19.01 -16.78
CA HIS A 289 -21.81 -20.04 -17.47
C HIS A 289 -20.39 -20.20 -16.95
N THR A 290 -19.89 -19.23 -16.19
CA THR A 290 -18.57 -19.33 -15.62
C THR A 290 -18.61 -18.85 -14.18
N LEU A 291 -18.11 -19.67 -13.28
CA LEU A 291 -17.90 -19.33 -11.89
C LEU A 291 -16.49 -19.77 -11.54
N LEU A 292 -15.69 -18.84 -11.07
CA LEU A 292 -14.31 -19.16 -10.75
C LEU A 292 -13.87 -18.23 -9.64
N ARG A 293 -13.52 -18.81 -8.50
CA ARG A 293 -12.87 -18.08 -7.43
C ARG A 293 -11.44 -18.59 -7.29
N GLY A 294 -10.50 -17.66 -7.06
CA GLY A 294 -9.09 -17.97 -7.06
C GLY A 294 -8.35 -17.21 -5.99
N THR A 295 -7.08 -17.55 -5.86
CA THR A 295 -6.18 -16.90 -4.92
C THR A 295 -5.10 -16.14 -5.67
N LEU A 296 -4.65 -15.04 -5.06
CA LEU A 296 -3.64 -14.16 -5.62
C LEU A 296 -2.36 -14.25 -4.82
N ARG A 297 -1.24 -14.26 -5.53
CA ARG A 297 0.07 -14.22 -4.91
C ARG A 297 0.95 -13.36 -5.79
N TYR A 298 2.17 -13.10 -5.32
CA TYR A 298 3.15 -12.49 -6.20
C TYR A 298 3.76 -13.60 -7.07
N LYS A 299 4.10 -13.25 -8.32
CA LYS A 299 4.64 -14.26 -9.22
C LYS A 299 5.85 -14.95 -8.60
N GLY A 300 5.87 -16.27 -8.69
CA GLY A 300 6.98 -17.06 -8.23
C GLY A 300 6.75 -17.75 -6.92
N TYR A 301 5.71 -17.37 -6.20
CA TYR A 301 5.41 -18.03 -4.94
C TYR A 301 5.07 -19.49 -5.18
N MET A 302 4.13 -19.75 -6.11
CA MET A 302 3.69 -21.12 -6.35
C MET A 302 4.82 -21.98 -6.87
N LYS A 303 5.61 -21.45 -7.80
CA LYS A 303 6.80 -22.19 -8.20
C LYS A 303 7.63 -22.52 -6.98
N ALA A 304 7.84 -21.55 -6.09
CA ALA A 304 8.62 -21.83 -4.88
C ALA A 304 8.02 -22.99 -4.09
N LEU A 305 6.69 -23.01 -3.93
CA LEU A 305 6.05 -24.15 -3.26
C LEU A 305 6.12 -25.43 -4.08
N ASN A 306 6.10 -25.33 -5.41
CA ASN A 306 6.18 -26.55 -6.20
C ASN A 306 7.40 -27.37 -5.80
N GLY A 307 8.49 -26.69 -5.44
CA GLY A 307 9.67 -27.39 -4.96
C GLY A 307 9.42 -28.15 -3.67
N PHE A 308 8.87 -27.47 -2.65
CA PHE A 308 8.58 -28.14 -1.38
C PHE A 308 7.75 -29.41 -1.59
N VAL A 309 6.89 -29.42 -2.62
CA VAL A 309 6.10 -30.60 -2.93
C VAL A 309 6.99 -31.71 -3.47
N LYS A 310 7.83 -31.36 -4.45
CA LYS A 310 8.81 -32.31 -4.98
C LYS A 310 9.65 -32.97 -3.88
N LEU A 311 10.08 -32.19 -2.89
CA LEU A 311 10.93 -32.72 -1.82
C LEU A 311 10.17 -33.50 -0.75
N GLY A 312 8.85 -33.60 -0.86
CA GLY A 312 8.11 -34.28 0.19
C GLY A 312 7.97 -33.51 1.48
N LEU A 313 8.08 -32.18 1.44
CA LEU A 313 7.92 -31.38 2.64
C LEU A 313 6.44 -31.14 2.97
N ILE A 314 5.57 -31.14 1.96
CA ILE A 314 4.14 -30.99 2.17
C ILE A 314 3.56 -32.36 2.42
N ASN A 315 3.87 -32.91 3.58
CA ASN A 315 3.59 -34.29 3.90
C ASN A 315 3.19 -34.38 5.35
N ARG A 316 2.25 -35.28 5.64
CA ARG A 316 1.67 -35.33 6.97
C ARG A 316 2.36 -36.32 7.91
N GLU A 317 3.35 -37.06 7.43
CA GLU A 317 3.95 -38.06 8.29
C GLU A 317 4.60 -37.41 9.50
N ALA A 318 5.03 -38.25 10.43
CA ALA A 318 5.66 -37.76 11.64
C ALA A 318 7.14 -37.47 11.39
N LEU A 319 7.74 -36.79 12.35
CA LEU A 319 9.16 -36.47 12.28
C LEU A 319 9.99 -37.69 12.69
N PRO A 320 11.15 -37.91 12.06
CA PRO A 320 11.98 -39.06 12.41
C PRO A 320 12.61 -38.92 13.79
N PRO A 328 18.97 -34.75 18.56
CA PRO A 328 19.12 -33.34 18.13
C PRO A 328 18.90 -33.12 16.61
N LEU A 329 17.66 -33.07 16.11
CA LEU A 329 17.39 -33.15 14.67
C LEU A 329 17.52 -31.80 13.95
N THR A 330 18.22 -31.80 12.82
CA THR A 330 18.45 -30.58 12.05
C THR A 330 17.80 -30.70 10.68
N TRP A 331 17.63 -29.56 10.03
CA TRP A 331 16.97 -29.58 8.73
C TRP A 331 17.78 -30.38 7.73
N LYS A 332 19.09 -30.22 7.69
CA LYS A 332 19.84 -31.04 6.75
C LYS A 332 19.61 -32.52 7.03
N GLN A 333 19.54 -32.90 8.30
CA GLN A 333 19.28 -34.29 8.63
C GLN A 333 17.89 -34.68 8.17
N LEU A 334 16.90 -33.86 8.52
CA LEU A 334 15.52 -34.15 8.12
C LEU A 334 15.39 -34.24 6.61
N LEU A 335 16.06 -33.35 5.88
CA LEU A 335 15.97 -33.41 4.43
CA LEU A 335 15.97 -33.40 4.43
C LEU A 335 16.77 -34.56 3.87
N CYS A 336 17.90 -34.89 4.48
CA CYS A 336 18.63 -36.08 4.07
C CYS A 336 17.69 -37.29 4.05
N ASP A 337 16.95 -37.48 5.14
CA ASP A 337 16.00 -38.59 5.22
C ASP A 337 15.01 -38.52 4.06
N LEU A 338 14.71 -37.30 3.58
CA LEU A 338 13.74 -37.06 2.52
C LEU A 338 14.29 -37.18 1.11
N VAL A 339 15.61 -37.26 0.93
CA VAL A 339 16.16 -37.38 -0.40
C VAL A 339 16.72 -38.77 -0.63
N GLY A 340 16.53 -39.68 0.33
CA GLY A 340 16.94 -41.05 0.21
C GLY A 340 18.39 -41.28 -0.22
N SER A 342 20.72 -38.44 -0.20
CA SER A 342 20.80 -39.56 0.73
C SER A 342 20.78 -39.11 2.18
N PRO A 343 20.30 -40.00 3.09
CA PRO A 343 20.40 -39.79 4.54
C PRO A 343 21.77 -40.19 5.08
N SER A 344 22.14 -39.69 6.25
CA SER A 344 21.30 -38.80 7.03
C SER A 344 22.25 -37.89 7.78
N SER A 345 23.54 -38.19 7.62
CA SER A 345 24.63 -37.39 8.15
C SER A 345 25.75 -37.31 7.11
N GLU A 346 25.42 -36.83 5.91
CA GLU A 346 26.43 -36.63 4.87
CA GLU A 346 26.42 -36.63 4.87
C GLU A 346 26.79 -35.16 4.75
N HIS A 347 27.95 -34.92 4.14
CA HIS A 347 28.46 -33.57 3.90
C HIS A 347 27.34 -32.70 3.34
N ASP A 348 27.35 -31.42 3.73
CA ASP A 348 26.29 -30.52 3.32
C ASP A 348 26.21 -30.41 1.78
N VAL A 349 27.35 -30.35 1.10
CA VAL A 349 27.35 -30.20 -0.37
C VAL A 349 26.77 -31.43 -1.06
N LEU A 350 26.98 -32.62 -0.47
CA LEU A 350 26.37 -33.84 -1.00
C LEU A 350 24.86 -33.79 -0.89
N LYS A 351 24.36 -33.37 0.27
CA LYS A 351 22.93 -33.18 0.46
C LYS A 351 22.36 -32.23 -0.57
N GLU A 352 23.11 -31.17 -0.88
CA GLU A 352 22.68 -30.20 -1.87
C GLU A 352 22.65 -30.80 -3.28
N ALA A 353 23.65 -31.63 -3.65
CA ALA A 353 23.64 -32.19 -5.00
C ALA A 353 22.38 -33.00 -5.22
N VAL A 354 21.85 -33.60 -4.16
CA VAL A 354 20.66 -34.43 -4.25
C VAL A 354 19.38 -33.60 -4.28
N LEU A 355 19.33 -32.51 -3.49
CA LEU A 355 18.18 -31.61 -3.58
C LEU A 355 17.96 -31.13 -5.00
N LYS A 356 19.03 -30.70 -5.67
CA LYS A 356 18.86 -30.24 -7.03
C LYS A 356 18.45 -31.37 -7.96
N LYS A 357 18.77 -32.61 -7.62
CA LYS A 357 18.39 -33.72 -8.47
C LYS A 357 16.87 -33.70 -8.72
N LEU A 358 16.08 -33.55 -7.65
CA LEU A 358 14.64 -33.34 -7.81
C LEU A 358 14.44 -31.91 -8.34
N GLY A 359 14.67 -31.74 -9.63
CA GLY A 359 14.69 -30.45 -10.28
C GLY A 359 15.22 -30.69 -11.68
N GLY A 360 16.41 -30.18 -12.00
CA GLY A 360 17.21 -29.37 -11.08
C GLY A 360 17.07 -27.86 -11.29
N ASP A 361 15.99 -27.28 -10.75
CA ASP A 361 15.72 -25.85 -10.85
C ASP A 361 16.44 -25.10 -9.74
N ASN A 362 17.34 -24.19 -10.11
CA ASN A 362 18.11 -23.48 -9.10
C ASN A 362 17.26 -22.50 -8.30
N THR A 363 16.27 -21.86 -8.92
CA THR A 363 15.40 -20.99 -8.15
C THR A 363 14.78 -21.75 -6.98
N GLN A 364 14.27 -22.95 -7.25
CA GLN A 364 13.70 -23.71 -6.15
C GLN A 364 14.77 -24.13 -5.15
N LEU A 365 15.99 -24.39 -5.61
CA LEU A 365 17.03 -24.74 -4.66
C LEU A 365 17.43 -23.53 -3.82
N GLU A 366 17.49 -22.37 -4.48
CA GLU A 366 17.85 -21.12 -3.82
C GLU A 366 16.87 -20.82 -2.68
N ALA A 367 15.60 -21.11 -2.89
CA ALA A 367 14.61 -20.83 -1.85
C ALA A 367 14.83 -21.73 -0.65
N ALA A 368 15.23 -22.97 -0.90
CA ALA A 368 15.44 -23.93 0.17
C ALA A 368 16.64 -23.53 1.01
N GLU A 369 17.75 -23.18 0.35
CA GLU A 369 18.91 -22.68 1.07
C GLU A 369 18.61 -21.39 1.82
N TRP A 370 17.90 -20.46 1.18
CA TRP A 370 17.67 -19.19 1.87
C TRP A 370 16.97 -19.39 3.20
N LEU A 371 16.06 -20.36 3.26
CA LEU A 371 15.28 -20.63 4.46
C LEU A 371 16.04 -21.45 5.49
N GLY A 372 17.17 -22.04 5.13
CA GLY A 372 17.95 -22.84 6.05
C GLY A 372 17.61 -24.32 6.12
N LEU A 373 16.88 -24.85 5.14
CA LEU A 373 16.45 -26.26 5.18
C LEU A 373 17.56 -27.23 4.86
N LEU A 374 18.66 -26.74 4.28
CA LEU A 374 19.86 -27.53 4.06
C LEU A 374 20.94 -27.27 5.10
N GLY A 375 20.64 -26.46 6.12
CA GLY A 375 21.61 -26.04 7.11
C GLY A 375 21.49 -26.79 8.41
N ASP A 376 22.39 -26.45 9.33
CA ASP A 376 22.42 -27.13 10.60
C ASP A 376 21.36 -26.69 11.59
N GLU A 377 20.47 -25.77 11.20
CA GLU A 377 19.48 -25.27 12.12
C GLU A 377 18.57 -26.40 12.59
N GLN A 378 18.11 -26.28 13.83
CA GLN A 378 17.30 -27.32 14.44
C GLN A 378 15.90 -27.28 13.89
N VAL A 379 15.35 -28.45 13.61
CA VAL A 379 13.96 -28.50 13.16
C VAL A 379 13.05 -28.19 14.35
N PRO A 380 12.02 -27.38 14.18
CA PRO A 380 11.11 -27.13 15.31
C PRO A 380 10.42 -28.44 15.69
N GLN A 381 10.10 -28.55 16.97
CA GLN A 381 9.32 -29.68 17.45
C GLN A 381 7.88 -29.59 16.93
N ALA A 382 7.39 -30.69 16.36
CA ALA A 382 6.05 -30.73 15.78
C ALA A 382 5.69 -32.20 15.58
N GLU A 383 4.40 -32.47 15.38
CA GLU A 383 4.01 -33.84 15.12
C GLU A 383 4.15 -34.26 13.67
N SER A 384 4.43 -33.34 12.75
CA SER A 384 4.56 -33.79 11.37
C SER A 384 5.59 -32.91 10.65
N ILE A 385 6.05 -33.40 9.49
CA ILE A 385 6.98 -32.62 8.68
C ILE A 385 6.38 -31.28 8.30
N LEU A 386 5.15 -31.29 7.81
CA LEU A 386 4.45 -30.05 7.51
C LEU A 386 4.39 -29.14 8.73
N ASP A 387 3.88 -29.65 9.85
CA ASP A 387 3.80 -28.86 11.07
C ASP A 387 5.13 -28.16 11.36
N ALA A 388 6.24 -28.90 11.28
CA ALA A 388 7.55 -28.30 11.48
C ALA A 388 7.86 -27.26 10.39
N LEU A 389 7.66 -27.63 9.12
CA LEU A 389 7.93 -26.69 8.04
C LEU A 389 7.17 -25.40 8.25
N SER A 390 5.89 -25.51 8.59
CA SER A 390 5.10 -24.32 8.88
C SER A 390 5.71 -23.52 10.03
N LYS A 391 6.02 -24.18 11.15
CA LYS A 391 6.64 -23.43 12.24
C LYS A 391 7.96 -22.82 11.82
N HIS A 392 8.65 -23.42 10.85
CA HIS A 392 9.90 -22.84 10.40
C HIS A 392 9.66 -21.60 9.56
N LEU A 393 8.82 -21.74 8.52
CA LEU A 393 8.45 -20.59 7.70
C LEU A 393 7.97 -19.43 8.57
N VAL A 394 7.37 -19.73 9.74
CA VAL A 394 6.91 -18.67 10.62
C VAL A 394 8.08 -17.95 11.25
N MET A 395 9.09 -18.70 11.71
CA MET A 395 10.25 -18.09 12.34
C MET A 395 11.04 -17.24 11.36
N LYS A 396 10.97 -17.57 10.06
CA LYS A 396 11.79 -16.92 9.06
C LYS A 396 11.06 -15.91 8.20
N LEU A 397 9.72 -15.94 8.14
CA LEU A 397 8.99 -15.05 7.24
C LEU A 397 7.74 -14.50 7.91
N SER A 398 7.80 -14.24 9.20
CA SER A 398 6.70 -13.56 9.82
C SER A 398 6.87 -12.06 9.62
N TYR A 399 5.82 -11.31 9.90
CA TYR A 399 5.88 -9.86 9.75
C TYR A 399 6.59 -9.25 10.95
N GLY A 400 7.53 -8.34 10.68
CA GLY A 400 8.15 -7.56 11.72
C GLY A 400 7.20 -6.51 12.25
N PRO A 401 7.57 -5.87 13.36
CA PRO A 401 6.66 -4.92 14.00
C PRO A 401 6.45 -3.66 13.19
N GLU A 402 7.25 -3.42 12.14
CA GLU A 402 7.11 -2.21 11.33
C GLU A 402 6.91 -2.54 9.85
N GLU A 403 6.39 -3.72 9.54
CA GLU A 403 6.19 -4.17 8.17
C GLU A 403 4.71 -4.21 7.80
N LYS A 404 4.39 -3.92 6.53
CA LYS A 404 3.01 -3.77 6.10
C LYS A 404 2.52 -4.95 5.28
N ASP A 405 1.31 -5.37 5.57
CA ASP A 405 0.66 -6.37 4.76
C ASP A 405 -0.36 -5.70 3.84
N MET A 406 -0.99 -6.53 3.04
CA MET A 406 -1.81 -6.04 1.95
C MET A 406 -2.96 -7.01 1.75
N ILE A 407 -4.06 -6.47 1.29
CA ILE A 407 -5.22 -7.24 0.86
C ILE A 407 -5.55 -6.80 -0.55
N VAL A 408 -5.74 -7.76 -1.44
CA VAL A 408 -6.12 -7.47 -2.82
C VAL A 408 -7.29 -8.35 -3.19
N MET A 409 -8.32 -7.73 -3.73
CA MET A 409 -9.55 -8.41 -4.07
C MET A 409 -10.10 -7.79 -5.33
N ARG A 410 -10.25 -8.57 -6.39
CA ARG A 410 -10.87 -8.07 -7.61
C ARG A 410 -11.97 -9.03 -8.03
N ASP A 411 -13.18 -8.50 -8.18
CA ASP A 411 -14.31 -9.27 -8.67
C ASP A 411 -14.67 -8.81 -10.07
N SER A 412 -15.17 -9.75 -10.86
CA SER A 412 -15.58 -9.47 -12.22
C SER A 412 -16.90 -10.18 -12.46
N PHE A 413 -17.97 -9.41 -12.68
CA PHE A 413 -19.28 -9.95 -13.03
C PHE A 413 -19.62 -9.63 -14.48
N GLY A 414 -20.23 -10.61 -15.16
CA GLY A 414 -20.89 -10.40 -16.44
C GLY A 414 -22.39 -10.33 -16.26
N ILE A 415 -22.97 -9.15 -16.48
CA ILE A 415 -24.36 -8.87 -16.11
C ILE A 415 -25.15 -8.62 -17.39
N ARG A 416 -26.09 -9.52 -17.69
CA ARG A 416 -26.92 -9.41 -18.89
C ARG A 416 -28.21 -8.68 -18.57
N HIS A 417 -28.42 -7.61 -19.22
CA HIS A 417 -29.61 -6.85 -18.91
C HIS A 417 -30.75 -7.26 -19.84
N PRO A 418 -31.97 -7.16 -19.33
CA PRO A 418 -33.13 -7.55 -20.15
C PRO A 418 -33.19 -6.82 -21.47
N SER A 419 -32.59 -5.64 -21.56
CA SER A 419 -32.44 -4.97 -22.84
C SER A 419 -31.50 -5.70 -23.76
N GLY A 420 -30.71 -6.65 -23.27
CA GLY A 420 -29.75 -7.37 -24.06
C GLY A 420 -28.32 -6.91 -23.90
N HIS A 421 -28.10 -5.69 -23.37
CA HIS A 421 -26.75 -5.23 -23.12
C HIS A 421 -26.02 -6.16 -22.17
N LEU A 422 -24.75 -6.38 -22.45
CA LEU A 422 -23.86 -7.12 -21.56
C LEU A 422 -22.97 -6.13 -20.84
N GLU A 423 -23.13 -6.05 -19.51
CA GLU A 423 -22.33 -5.18 -18.67
C GLU A 423 -21.21 -5.97 -18.01
N HIS A 424 -19.98 -5.46 -18.08
CA HIS A 424 -18.85 -6.02 -17.35
C HIS A 424 -18.53 -5.11 -16.15
N LYS A 425 -18.84 -5.59 -14.95
CA LYS A 425 -18.62 -4.86 -13.72
C LYS A 425 -17.43 -5.47 -12.98
N THR A 426 -16.52 -4.62 -12.54
CA THR A 426 -15.40 -5.06 -11.73
C THR A 426 -15.39 -4.25 -10.45
N ILE A 427 -15.08 -4.91 -9.34
CA ILE A 427 -14.91 -4.28 -8.04
C ILE A 427 -13.48 -4.51 -7.60
N ASP A 428 -12.81 -3.45 -7.21
CA ASP A 428 -11.45 -3.54 -6.67
C ASP A 428 -11.48 -3.16 -5.21
N LEU A 429 -10.86 -3.96 -4.37
CA LEU A 429 -10.71 -3.68 -2.96
C LEU A 429 -9.25 -3.95 -2.61
N VAL A 430 -8.53 -2.89 -2.24
CA VAL A 430 -7.12 -3.00 -1.85
C VAL A 430 -6.95 -2.27 -0.54
N ALA A 431 -6.31 -2.91 0.42
CA ALA A 431 -6.03 -2.27 1.69
C ALA A 431 -4.59 -2.55 2.09
N TYR A 432 -3.99 -1.60 2.78
CA TYR A 432 -2.63 -1.73 3.27
C TYR A 432 -2.64 -1.66 4.80
N GLY A 433 -1.75 -2.41 5.44
CA GLY A 433 -1.65 -2.32 6.87
C GLY A 433 -1.16 -0.97 7.33
N ASP A 434 -1.49 -0.63 8.59
CA ASP A 434 -1.02 0.59 9.26
C ASP A 434 -0.05 0.18 10.35
N ILE A 435 1.23 0.55 10.20
CA ILE A 435 2.25 0.15 11.17
C ILE A 435 1.86 0.59 12.58
N ASN A 436 1.32 1.78 12.71
CA ASN A 436 0.90 2.29 14.00
C ASN A 436 -0.49 1.83 14.41
N GLY A 437 -1.13 0.96 13.62
CA GLY A 437 -2.46 0.45 13.93
C GLY A 437 -2.61 -1.01 13.56
N PHE A 438 -3.74 -1.37 12.94
CA PHE A 438 -4.00 -2.76 12.61
C PHE A 438 -3.55 -3.09 11.20
N SER A 439 -3.23 -4.36 10.99
CA SER A 439 -2.93 -4.81 9.65
C SER A 439 -4.19 -4.82 8.79
N ALA A 440 -3.98 -4.86 7.48
CA ALA A 440 -5.07 -5.00 6.54
C ALA A 440 -5.81 -6.31 6.74
N MET A 441 -5.07 -7.40 6.99
CA MET A 441 -5.70 -8.70 7.26
C MET A 441 -6.53 -8.63 8.53
N ALA A 442 -6.01 -7.98 9.57
CA ALA A 442 -6.74 -7.88 10.83
C ALA A 442 -7.97 -6.99 10.65
N LYS A 443 -7.84 -5.90 9.89
CA LYS A 443 -9.00 -5.06 9.64
C LYS A 443 -10.12 -5.85 8.96
N THR A 444 -9.81 -6.52 7.85
CA THR A 444 -10.83 -7.18 7.03
C THR A 444 -11.34 -8.50 7.60
N VAL A 445 -10.57 -9.18 8.45
CA VAL A 445 -11.10 -10.36 9.10
C VAL A 445 -11.90 -9.97 10.34
N GLY A 446 -11.32 -9.11 11.19
CA GLY A 446 -11.90 -8.81 12.48
C GLY A 446 -13.01 -7.79 12.48
N LEU A 447 -12.97 -6.81 11.57
CA LEU A 447 -14.00 -5.78 11.60
C LEU A 447 -15.38 -6.34 11.28
N PRO A 448 -15.59 -7.03 10.15
CA PRO A 448 -16.96 -7.45 9.82
C PRO A 448 -17.52 -8.37 10.87
N THR A 449 -16.66 -9.21 11.44
CA THR A 449 -17.08 -9.97 12.59
C THR A 449 -17.51 -9.03 13.71
N ALA A 450 -16.66 -8.06 14.05
CA ALA A 450 -16.97 -7.15 15.15
C ALA A 450 -18.20 -6.32 14.84
N MET A 451 -18.39 -5.95 13.57
CA MET A 451 -19.54 -5.13 13.23
C MET A 451 -20.86 -5.92 13.35
N ALA A 452 -20.89 -7.14 12.82
CA ALA A 452 -22.09 -7.97 12.95
C ALA A 452 -22.43 -8.23 14.41
N ALA A 453 -21.42 -8.30 15.27
CA ALA A 453 -21.67 -8.46 16.70
C ALA A 453 -22.40 -7.25 17.29
N LYS A 454 -21.91 -6.03 17.00
CA LYS A 454 -22.62 -4.87 17.52
C LYS A 454 -24.02 -4.80 16.97
N MET A 455 -24.20 -5.16 15.68
CA MET A 455 -25.55 -5.15 15.10
C MET A 455 -26.45 -6.14 15.81
N LEU A 456 -25.93 -7.32 16.18
CA LEU A 456 -26.72 -8.25 16.97
C LEU A 456 -27.08 -7.62 18.31
N LEU A 457 -26.09 -7.03 18.99
CA LEU A 457 -26.38 -6.31 20.22
C LEU A 457 -27.44 -5.23 19.98
N ASP A 458 -27.12 -4.26 19.12
CA ASP A 458 -28.02 -3.13 18.92
C ASP A 458 -29.37 -3.55 18.34
N GLY A 459 -29.57 -4.85 18.11
CA GLY A 459 -30.86 -5.33 17.62
C GLY A 459 -31.15 -5.02 16.17
N GLU A 460 -30.15 -5.04 15.29
CA GLU A 460 -30.40 -4.67 13.91
C GLU A 460 -30.62 -5.87 12.99
N ILE A 461 -30.42 -7.09 13.48
CA ILE A 461 -30.58 -8.28 12.65
C ILE A 461 -31.72 -9.08 13.25
N GLY A 462 -32.83 -9.15 12.54
CA GLY A 462 -33.97 -9.87 13.06
C GLY A 462 -33.95 -11.32 12.65
N ALA A 463 -33.25 -11.62 11.55
CA ALA A 463 -33.20 -13.00 11.09
C ALA A 463 -32.76 -13.89 12.23
N LYS A 464 -33.32 -15.09 12.27
CA LYS A 464 -33.03 -16.05 13.30
C LYS A 464 -32.55 -17.32 12.62
N GLY A 465 -31.75 -18.07 13.36
CA GLY A 465 -31.21 -19.32 12.90
C GLY A 465 -29.72 -19.27 12.64
N LEU A 466 -29.26 -20.27 11.87
CA LEU A 466 -27.88 -20.39 11.46
C LEU A 466 -27.78 -19.89 10.02
N MET A 467 -26.95 -18.85 9.81
CA MET A 467 -26.92 -18.10 8.56
C MET A 467 -25.52 -17.58 8.30
N GLY A 468 -25.25 -17.34 7.01
CA GLY A 468 -24.07 -16.62 6.59
C GLY A 468 -24.42 -15.17 6.36
N PRO A 469 -23.47 -14.38 5.88
CA PRO A 469 -23.72 -12.94 5.77
C PRO A 469 -24.30 -12.55 4.44
N PHE A 470 -25.27 -13.32 3.93
CA PHE A 470 -25.71 -13.17 2.56
C PHE A 470 -26.88 -12.20 2.38
N SER A 471 -27.63 -11.87 3.42
CA SER A 471 -28.78 -10.99 3.26
C SER A 471 -28.37 -9.53 3.43
N LYS A 472 -29.00 -8.67 2.63
CA LYS A 472 -28.71 -7.24 2.68
C LYS A 472 -28.82 -6.72 4.09
N GLU A 473 -29.70 -7.32 4.89
CA GLU A 473 -29.79 -6.97 6.30
C GLU A 473 -28.43 -7.03 6.99
N ILE A 474 -27.54 -7.91 6.54
CA ILE A 474 -26.23 -8.06 7.16
C ILE A 474 -25.18 -7.32 6.34
N TYR A 475 -25.06 -7.65 5.05
CA TYR A 475 -23.95 -7.08 4.30
C TYR A 475 -24.13 -5.59 4.04
N GLY A 476 -25.36 -5.11 3.94
CA GLY A 476 -25.60 -3.70 3.74
C GLY A 476 -24.90 -2.84 4.78
N PRO A 477 -25.31 -2.95 6.03
CA PRO A 477 -24.68 -2.12 7.08
C PRO A 477 -23.18 -2.33 7.20
N ILE A 478 -22.70 -3.57 7.18
CA ILE A 478 -21.27 -3.82 7.32
C ILE A 478 -20.52 -3.13 6.18
N LEU A 479 -20.93 -3.35 4.93
CA LEU A 479 -20.25 -2.74 3.80
C LEU A 479 -20.18 -1.22 3.93
N GLU A 480 -21.18 -0.61 4.57
CA GLU A 480 -21.16 0.84 4.73
C GLU A 480 -20.18 1.25 5.82
N ARG A 481 -20.31 0.66 7.00
CA ARG A 481 -19.50 1.09 8.13
C ARG A 481 -18.04 0.71 8.00
N ILE A 482 -17.68 -0.24 7.12
CA ILE A 482 -16.25 -0.52 6.95
C ILE A 482 -15.56 0.61 6.21
N LYS A 483 -16.32 1.39 5.45
CA LYS A 483 -15.73 2.51 4.73
C LYS A 483 -15.06 3.46 5.70
N ALA A 484 -15.76 3.79 6.78
CA ALA A 484 -15.19 4.64 7.82
C ALA A 484 -13.93 4.07 8.41
N GLU A 485 -13.67 2.79 8.20
CA GLU A 485 -12.48 2.18 8.75
C GLU A 485 -11.35 2.06 7.75
N GLY A 486 -11.49 2.65 6.57
CA GLY A 486 -10.44 2.59 5.58
C GLY A 486 -10.51 1.43 4.62
N ILE A 487 -11.47 0.53 4.77
CA ILE A 487 -11.67 -0.56 3.81
C ILE A 487 -12.65 -0.05 2.77
N ILE A 488 -12.10 0.47 1.68
CA ILE A 488 -12.88 1.06 0.60
C ILE A 488 -12.62 0.26 -0.67
N TYR A 489 -13.68 -0.05 -1.39
CA TYR A 489 -13.62 -0.65 -2.70
C TYR A 489 -14.16 0.29 -3.76
N THR A 490 -13.80 0.01 -5.01
CA THR A 490 -14.13 0.83 -6.16
C THR A 490 -14.77 -0.04 -7.24
N THR A 491 -15.68 0.54 -8.01
CA THR A 491 -16.39 -0.16 -9.06
C THR A 491 -16.17 0.48 -10.42
N GLN A 492 -16.26 -0.33 -11.47
CA GLN A 492 -16.22 0.17 -12.83
C GLN A 492 -17.00 -0.78 -13.72
N SER A 493 -17.83 -0.21 -14.60
CA SER A 493 -18.66 -0.97 -15.52
C SER A 493 -18.42 -0.47 -16.94
N THR A 494 -18.73 -1.32 -17.92
CA THR A 494 -18.71 -0.96 -19.34
C THR A 494 -19.72 -1.83 -20.07
N ILE A 495 -20.07 -1.42 -21.29
CA ILE A 495 -21.02 -2.18 -22.12
C ILE A 495 -20.48 -2.36 -23.55
N ARG B 52 1.42 29.65 21.93
CA ARG B 52 2.21 29.88 20.73
C ARG B 52 1.33 30.22 19.54
N LYS B 53 1.69 31.27 18.80
CA LYS B 53 0.96 31.75 17.63
C LYS B 53 1.75 31.44 16.36
N VAL B 54 1.06 30.87 15.35
CA VAL B 54 1.68 30.49 14.08
C VAL B 54 0.85 30.99 12.91
N LEU B 55 1.52 31.61 11.95
CA LEU B 55 0.85 32.03 10.72
C LEU B 55 1.22 31.07 9.59
N VAL B 56 0.22 30.42 8.99
CA VAL B 56 0.43 29.58 7.81
C VAL B 56 0.02 30.38 6.59
N LEU B 57 0.97 30.61 5.69
CA LEU B 57 0.72 31.29 4.43
C LEU B 57 0.49 30.24 3.36
N GLY B 58 -0.67 30.31 2.72
CA GLY B 58 -1.06 29.33 1.71
C GLY B 58 -2.01 28.26 2.21
N SER B 59 -3.07 28.02 1.43
CA SER B 59 -4.10 27.05 1.78
C SER B 59 -4.24 25.95 0.73
N GLY B 60 -3.15 25.63 0.03
CA GLY B 60 -3.14 24.49 -0.85
C GLY B 60 -3.32 23.20 -0.08
N TYR B 61 -3.33 22.08 -0.77
CA TYR B 61 -3.53 20.80 -0.08
C TYR B 61 -2.38 20.40 0.83
N ILE B 62 -1.20 21.00 0.68
CA ILE B 62 -0.13 20.69 1.63
C ILE B 62 -0.39 21.31 2.99
N SER B 63 -1.24 22.33 3.05
CA SER B 63 -1.45 22.98 4.33
C SER B 63 -2.24 22.07 5.28
N GLU B 64 -3.08 21.21 4.72
CA GLU B 64 -4.02 20.47 5.56
C GLU B 64 -3.31 19.48 6.51
N PRO B 65 -2.35 18.66 6.07
CA PRO B 65 -1.61 17.83 7.05
C PRO B 65 -0.72 18.65 7.98
N VAL B 66 -0.41 19.90 7.62
CA VAL B 66 0.34 20.77 8.51
C VAL B 66 -0.55 21.29 9.63
N LEU B 67 -1.72 21.83 9.24
CA LEU B 67 -2.72 22.21 10.24
C LEU B 67 -3.03 21.07 11.19
N GLU B 68 -3.30 19.89 10.64
CA GLU B 68 -3.63 18.74 11.47
C GLU B 68 -2.53 18.49 12.49
N TYR B 69 -1.27 18.52 12.06
CA TYR B 69 -0.20 18.20 12.99
C TYR B 69 -0.08 19.27 14.07
N LEU B 70 -0.22 20.55 13.70
CA LEU B 70 -0.03 21.60 14.69
C LEU B 70 -1.20 21.70 15.65
N SER B 71 -2.41 21.34 15.20
CA SER B 71 -3.61 21.41 16.01
C SER B 71 -3.61 20.42 17.16
N ARG B 72 -2.70 19.45 17.18
CA ARG B 72 -2.88 18.30 18.07
C ARG B 72 -2.88 18.71 19.54
N ASP B 73 -1.89 19.49 19.97
CA ASP B 73 -1.80 19.80 21.39
C ASP B 73 -2.76 20.89 21.83
N GLY B 74 -3.36 21.63 20.91
CA GLY B 74 -4.32 22.66 21.27
C GLY B 74 -3.74 23.90 21.89
N ASN B 75 -2.42 23.96 22.10
CA ASN B 75 -1.77 25.15 22.63
C ASN B 75 -1.05 25.94 21.54
N ILE B 76 -1.54 25.86 20.29
CA ILE B 76 -0.97 26.59 19.17
C ILE B 76 -2.09 27.30 18.43
N GLU B 77 -2.02 28.62 18.38
CA GLU B 77 -3.04 29.43 17.72
C GLU B 77 -2.66 29.61 16.25
N ILE B 78 -3.44 29.01 15.35
CA ILE B 78 -3.08 28.95 13.94
C ILE B 78 -3.85 30.00 13.16
N THR B 79 -3.14 30.85 12.44
CA THR B 79 -3.72 31.79 11.50
C THR B 79 -3.36 31.33 10.11
N VAL B 80 -4.34 31.31 9.20
CA VAL B 80 -4.09 30.88 7.83
C VAL B 80 -4.55 31.99 6.89
N GLY B 81 -3.66 32.36 5.94
CA GLY B 81 -3.98 33.40 4.98
C GLY B 81 -3.55 33.09 3.58
N SER B 82 -4.37 33.46 2.59
CA SER B 82 -4.04 33.25 1.19
C SER B 82 -5.08 33.99 0.36
N ASP B 83 -4.96 33.86 -0.96
CA ASP B 83 -5.83 34.55 -1.90
C ASP B 83 -7.00 33.69 -2.35
N MET B 84 -7.15 32.47 -1.86
CA MET B 84 -8.30 31.66 -2.23
C MET B 84 -9.18 31.48 -1.02
N LYS B 85 -10.22 32.31 -0.95
CA LYS B 85 -11.06 32.38 0.24
C LYS B 85 -11.73 31.04 0.51
N ASN B 86 -12.12 30.33 -0.54
CA ASN B 86 -12.92 29.13 -0.34
C ASN B 86 -12.09 27.98 0.19
N GLN B 87 -10.83 27.89 -0.22
CA GLN B 87 -9.92 26.95 0.42
C GLN B 87 -9.81 27.21 1.92
N ILE B 88 -9.71 28.49 2.31
CA ILE B 88 -9.56 28.82 3.72
C ILE B 88 -10.84 28.51 4.48
N GLU B 89 -11.99 28.73 3.85
CA GLU B 89 -13.26 28.42 4.52
C GLU B 89 -13.35 26.94 4.82
N GLN B 90 -13.02 26.09 3.84
CA GLN B 90 -13.11 24.65 4.08
C GLN B 90 -12.17 24.24 5.21
N LEU B 91 -10.93 24.75 5.19
CA LEU B 91 -10.02 24.40 6.27
C LEU B 91 -10.53 24.86 7.63
N GLY B 92 -11.19 26.01 7.66
CA GLY B 92 -11.72 26.51 8.93
C GLY B 92 -12.80 25.61 9.50
N LYS B 93 -13.52 24.89 8.65
CA LYS B 93 -14.51 23.93 9.12
C LYS B 93 -13.84 22.75 9.82
N LYS B 94 -12.70 22.27 9.28
CA LYS B 94 -11.98 21.13 9.84
C LYS B 94 -11.01 21.49 10.96
N TYR B 95 -10.49 22.71 11.03
CA TYR B 95 -9.53 23.07 12.08
C TYR B 95 -9.84 24.44 12.65
N ASN B 96 -9.51 24.61 13.92
CA ASN B 96 -9.69 25.89 14.59
C ASN B 96 -8.59 26.84 14.10
N ILE B 97 -8.95 27.75 13.19
CA ILE B 97 -7.95 28.62 12.58
C ILE B 97 -8.53 30.02 12.33
N ASN B 98 -7.69 31.05 12.51
CA ASN B 98 -8.08 32.41 12.15
C ASN B 98 -7.92 32.58 10.64
N PRO B 99 -9.01 32.77 9.91
CA PRO B 99 -8.89 32.96 8.47
C PRO B 99 -8.54 34.39 8.13
N VAL B 100 -7.70 34.54 7.14
CA VAL B 100 -7.22 35.84 6.68
C VAL B 100 -7.15 35.79 5.16
N SER B 101 -7.81 36.74 4.52
CA SER B 101 -7.76 36.82 3.08
C SER B 101 -6.60 37.75 2.74
N MET B 102 -5.71 37.29 1.86
CA MET B 102 -4.57 38.13 1.58
C MET B 102 -3.88 37.70 0.29
N ASP B 103 -3.52 38.70 -0.52
CA ASP B 103 -2.68 38.53 -1.70
C ASP B 103 -1.29 39.10 -1.38
N ILE B 104 -0.31 38.21 -1.19
CA ILE B 104 1.01 38.61 -0.70
C ILE B 104 1.62 39.67 -1.60
N CYS B 105 1.40 39.58 -2.90
CA CYS B 105 2.03 40.54 -3.79
C CYS B 105 1.50 41.95 -3.56
N LYS B 106 0.20 42.07 -3.36
CA LYS B 106 -0.45 43.37 -3.21
C LYS B 106 -0.41 43.90 -1.77
N GLN B 107 -0.70 43.08 -0.77
CA GLN B 107 -0.89 43.60 0.59
C GLN B 107 0.33 43.39 1.46
N GLU B 108 1.51 43.80 0.96
CA GLU B 108 2.76 43.63 1.68
C GLU B 108 2.71 44.23 3.09
N GLU B 109 2.05 45.36 3.24
CA GLU B 109 1.92 46.04 4.52
C GLU B 109 1.08 45.25 5.51
N LYS B 110 -0.10 44.79 5.05
CA LYS B 110 -0.89 43.85 5.84
C LYS B 110 -0.08 42.62 6.22
N LEU B 111 0.83 42.22 5.33
CA LEU B 111 1.71 41.09 5.59
C LEU B 111 2.65 41.37 6.76
N GLY B 112 3.22 42.58 6.83
CA GLY B 112 4.09 42.90 7.95
C GLY B 112 3.37 42.88 9.28
N PHE B 113 2.14 43.40 9.28
CA PHE B 113 1.31 43.42 10.49
C PHE B 113 1.05 42.01 11.03
N LEU B 114 0.57 41.11 10.17
CA LEU B 114 0.28 39.75 10.63
C LEU B 114 1.52 39.03 11.14
N VAL B 115 2.64 39.16 10.42
CA VAL B 115 3.84 38.46 10.83
C VAL B 115 4.29 38.92 12.21
N ALA B 116 4.27 40.23 12.47
CA ALA B 116 4.74 40.73 13.74
C ALA B 116 4.02 40.08 14.91
N LYS B 117 2.81 39.56 14.70
CA LYS B 117 2.01 38.99 15.77
C LYS B 117 2.28 37.50 16.01
N GLN B 118 3.11 36.85 15.19
CA GLN B 118 3.28 35.41 15.25
C GLN B 118 4.60 35.05 15.92
N ASP B 119 4.66 33.82 16.41
CA ASP B 119 5.96 33.28 16.81
C ASP B 119 6.67 32.62 15.66
N LEU B 120 5.96 32.34 14.56
CA LEU B 120 6.50 31.56 13.46
C LEU B 120 5.66 31.77 12.20
N VAL B 121 6.31 31.79 11.06
CA VAL B 121 5.62 31.84 9.78
C VAL B 121 6.02 30.62 8.98
N ILE B 122 5.02 29.89 8.49
CA ILE B 122 5.20 28.75 7.60
C ILE B 122 4.75 29.19 6.23
N SER B 123 5.67 29.35 5.29
CA SER B 123 5.29 29.76 3.95
C SER B 123 5.03 28.51 3.13
N LEU B 124 3.76 28.28 2.80
CA LEU B 124 3.36 27.22 1.89
C LEU B 124 2.91 27.79 0.54
N LEU B 125 3.44 28.92 0.17
CA LEU B 125 3.10 29.59 -1.08
C LEU B 125 3.98 29.08 -2.20
N PRO B 126 3.60 29.33 -3.46
CA PRO B 126 4.53 29.07 -4.56
C PRO B 126 5.88 29.65 -4.23
N TYR B 127 6.93 28.87 -4.49
CA TYR B 127 8.21 29.20 -3.88
C TYR B 127 8.75 30.56 -4.29
N VAL B 128 8.29 31.12 -5.42
CA VAL B 128 8.83 32.40 -5.87
C VAL B 128 8.57 33.50 -4.84
N LEU B 129 7.43 33.46 -4.15
CA LEU B 129 7.03 34.48 -3.20
C LEU B 129 7.76 34.41 -1.87
N HIS B 130 8.44 33.30 -1.57
CA HIS B 130 9.06 33.13 -0.25
C HIS B 130 9.91 34.33 0.15
N PRO B 131 10.68 34.95 -0.74
CA PRO B 131 11.45 36.13 -0.32
C PRO B 131 10.60 37.26 0.18
N LEU B 132 9.44 37.50 -0.42
CA LEU B 132 8.58 38.54 0.15
C LEU B 132 8.28 38.23 1.59
N VAL B 133 7.99 36.97 1.89
CA VAL B 133 7.67 36.54 3.24
C VAL B 133 8.90 36.64 4.14
N ALA B 134 10.08 36.36 3.59
CA ALA B 134 11.28 36.45 4.40
C ALA B 134 11.52 37.89 4.86
N LYS B 135 11.31 38.88 3.97
CA LYS B 135 11.51 40.27 4.36
C LYS B 135 10.70 40.63 5.60
N ALA B 136 9.39 40.40 5.56
CA ALA B 136 8.58 40.71 6.73
C ALA B 136 9.13 40.03 7.99
N CYS B 137 9.60 38.78 7.85
CA CYS B 137 10.15 38.05 8.99
C CYS B 137 11.45 38.65 9.47
N ILE B 138 12.29 39.09 8.55
CA ILE B 138 13.55 39.65 8.97
C ILE B 138 13.29 40.95 9.73
N THR B 139 12.47 41.82 9.14
CA THR B 139 12.14 43.09 9.77
C THR B 139 11.43 42.91 11.12
N ASN B 140 10.50 41.95 11.21
CA ASN B 140 9.77 41.77 12.46
C ASN B 140 10.40 40.73 13.36
N LYS B 141 11.53 40.15 12.94
CA LYS B 141 12.31 39.21 13.76
C LYS B 141 11.47 38.00 14.18
N VAL B 142 10.84 37.36 13.19
CA VAL B 142 10.01 36.17 13.38
C VAL B 142 10.62 35.03 12.59
N ASN B 143 10.73 33.86 13.23
CA ASN B 143 11.24 32.66 12.57
C ASN B 143 10.32 32.23 11.42
N MET B 144 10.89 31.49 10.46
CA MET B 144 10.19 31.08 9.25
C MET B 144 10.65 29.71 8.77
N VAL B 145 9.72 28.94 8.17
CA VAL B 145 10.04 27.65 7.56
C VAL B 145 9.35 27.55 6.20
N THR B 146 9.99 26.83 5.28
CA THR B 146 9.40 26.57 3.97
C THR B 146 9.71 25.15 3.58
N ALA B 147 9.03 24.68 2.55
CA ALA B 147 9.24 23.35 1.99
C ALA B 147 9.82 23.41 0.58
N SER B 148 10.74 24.32 0.30
CA SER B 148 11.15 24.60 -1.07
C SER B 148 12.66 24.69 -1.18
N TYR B 149 13.18 24.40 -2.36
CA TYR B 149 14.59 24.68 -2.64
CA TYR B 149 14.58 24.66 -2.62
C TYR B 149 14.90 26.10 -2.23
N ILE B 150 15.97 26.27 -1.47
CA ILE B 150 16.45 27.59 -1.11
C ILE B 150 17.10 28.20 -2.34
N THR B 151 16.47 29.22 -2.92
CA THR B 151 16.95 29.79 -4.19
C THR B 151 18.06 30.81 -3.98
N PRO B 152 18.73 31.21 -5.07
CA PRO B 152 19.71 32.32 -4.95
C PRO B 152 19.07 33.57 -4.38
N ALA B 153 17.87 33.90 -4.87
CA ALA B 153 17.13 35.03 -4.33
C ALA B 153 17.03 34.93 -2.82
N LEU B 154 16.56 33.78 -2.32
CA LEU B 154 16.39 33.65 -0.89
C LEU B 154 17.73 33.62 -0.16
N LYS B 155 18.77 33.06 -0.78
CA LYS B 155 20.07 33.04 -0.12
C LYS B 155 20.67 34.43 -0.06
N GLU B 156 20.24 35.31 -0.96
CA GLU B 156 20.57 36.72 -0.86
C GLU B 156 20.36 37.24 0.55
N LEU B 157 19.18 37.02 1.10
CA LEU B 157 18.94 37.55 2.43
C LEU B 157 19.75 36.85 3.50
N GLU B 158 20.68 35.95 3.19
CA GLU B 158 21.19 35.10 4.25
C GLU B 158 21.83 35.92 5.36
N LYS B 159 22.42 37.07 5.03
CA LYS B 159 23.08 37.84 6.08
C LYS B 159 22.08 38.57 6.97
N SER B 160 21.10 39.25 6.37
CA SER B 160 20.11 39.93 7.21
C SER B 160 19.37 38.94 8.12
N VAL B 161 19.24 37.68 7.69
CA VAL B 161 18.60 36.68 8.55
C VAL B 161 19.43 36.49 9.82
N GLU B 162 20.75 36.47 9.68
CA GLU B 162 21.63 36.41 10.84
C GLU B 162 21.74 37.76 11.52
N ASP B 163 21.48 38.85 10.82
CA ASP B 163 21.45 40.16 11.49
C ASP B 163 20.20 40.29 12.34
N ALA B 164 19.09 39.73 11.86
CA ALA B 164 17.86 39.69 12.63
C ALA B 164 17.88 38.66 13.75
N GLY B 165 18.84 37.74 13.76
CA GLY B 165 18.85 36.73 14.80
C GLY B 165 17.75 35.68 14.72
N ILE B 166 17.15 35.49 13.53
CA ILE B 166 16.07 34.51 13.40
C ILE B 166 16.58 33.23 12.75
N THR B 167 15.71 32.25 12.65
CA THR B 167 15.98 31.02 11.93
C THR B 167 14.99 30.92 10.77
N ILE B 168 15.50 30.63 9.59
CA ILE B 168 14.67 30.30 8.44
C ILE B 168 15.14 28.94 7.96
N ILE B 169 14.30 27.92 8.08
CA ILE B 169 14.62 26.58 7.63
C ILE B 169 13.84 26.32 6.35
N GLY B 170 14.57 26.14 5.24
CA GLY B 170 13.98 25.74 3.99
C GLY B 170 14.26 24.28 3.67
N GLU B 171 13.84 23.89 2.46
CA GLU B 171 14.10 22.54 1.91
C GLU B 171 13.58 21.44 2.85
N LEU B 172 12.42 21.68 3.44
CA LEU B 172 11.68 20.65 4.13
C LEU B 172 10.67 20.05 3.18
N GLY B 173 10.13 18.90 3.54
CA GLY B 173 9.26 18.22 2.59
C GLY B 173 9.83 16.91 2.09
N LEU B 174 9.46 16.53 0.86
CA LEU B 174 9.89 15.26 0.28
C LEU B 174 11.14 15.44 -0.58
N ASP B 175 11.05 16.24 -1.64
CA ASP B 175 12.21 16.59 -2.47
C ASP B 175 12.16 18.08 -2.84
N PRO B 176 12.90 18.91 -2.10
CA PRO B 176 13.82 18.51 -1.04
C PRO B 176 13.16 18.23 0.29
N GLY B 177 13.96 17.76 1.23
CA GLY B 177 13.47 17.47 2.56
C GLY B 177 13.86 16.07 2.96
N LEU B 178 12.92 15.13 2.87
CA LEU B 178 13.20 13.77 3.29
C LEU B 178 14.36 13.17 2.53
N ASP B 179 14.54 13.55 1.26
CA ASP B 179 15.73 13.08 0.56
C ASP B 179 17.00 13.48 1.30
N HIS B 180 17.16 14.77 1.61
CA HIS B 180 18.33 15.23 2.34
C HIS B 180 18.49 14.51 3.66
N MET B 181 17.42 14.44 4.46
CA MET B 181 17.52 13.96 5.84
C MET B 181 17.93 12.50 5.88
N LEU B 182 17.43 11.69 4.95
CA LEU B 182 17.84 10.29 4.92
C LEU B 182 19.30 10.16 4.50
N ALA B 183 19.71 10.90 3.47
CA ALA B 183 21.10 10.84 3.03
C ALA B 183 22.03 11.27 4.15
N MET B 184 21.79 12.47 4.67
CA MET B 184 22.66 13.01 5.69
C MET B 184 22.66 12.10 6.92
N GLU B 185 21.50 11.58 7.29
CA GLU B 185 21.47 10.65 8.41
C GLU B 185 22.50 9.57 8.20
N THR B 186 22.53 8.97 7.00
CA THR B 186 23.41 7.82 6.80
C THR B 186 24.84 8.26 6.56
N ILE B 187 25.04 9.37 5.85
CA ILE B 187 26.38 9.86 5.59
C ILE B 187 27.09 10.27 6.88
N ASP B 188 26.37 10.96 7.77
CA ASP B 188 26.98 11.38 9.02
C ASP B 188 27.37 10.16 9.84
N LYS B 189 26.50 9.14 9.86
CA LYS B 189 26.79 7.91 10.60
C LYS B 189 28.07 7.24 10.09
N ALA B 190 28.27 7.26 8.79
CA ALA B 190 29.51 6.75 8.25
C ALA B 190 30.68 7.65 8.61
N LYS B 191 30.53 8.97 8.47
CA LYS B 191 31.70 9.84 8.67
C LYS B 191 32.16 9.86 10.12
N GLU B 192 31.23 9.72 11.06
CA GLU B 192 31.59 9.76 12.49
C GLU B 192 32.35 8.52 12.95
N VAL B 193 32.43 7.47 12.15
CA VAL B 193 33.23 6.29 12.50
C VAL B 193 34.37 6.17 11.51
N GLY B 194 34.77 7.31 10.94
CA GLY B 194 35.87 7.40 10.01
C GLY B 194 35.62 6.81 8.64
N ALA B 195 34.38 6.47 8.30
CA ALA B 195 34.14 5.89 6.99
C ALA B 195 34.00 6.98 5.94
N THR B 196 34.08 6.55 4.69
CA THR B 196 34.00 7.46 3.56
C THR B 196 33.01 6.93 2.53
N ILE B 197 32.28 7.83 1.91
CA ILE B 197 31.26 7.43 0.96
C ILE B 197 31.90 7.24 -0.40
N GLU B 198 31.78 6.03 -0.95
CA GLU B 198 32.27 5.74 -2.29
C GLU B 198 31.19 5.80 -3.34
N SER B 199 29.93 5.52 -2.99
CA SER B 199 28.85 5.61 -3.96
C SER B 199 27.55 6.02 -3.29
N TYR B 200 26.76 6.77 -4.03
CA TYR B 200 25.44 7.21 -3.61
C TYR B 200 24.53 7.06 -4.82
N ILE B 201 23.59 6.12 -4.72
CA ILE B 201 22.58 5.93 -5.74
C ILE B 201 21.24 6.00 -5.05
N SER B 202 20.47 7.03 -5.41
CA SER B 202 19.22 7.37 -4.75
C SER B 202 18.12 7.44 -5.80
N TYR B 203 17.01 6.76 -5.53
CA TYR B 203 15.86 6.84 -6.43
C TYR B 203 14.61 7.20 -5.67
N CYS B 204 13.77 8.03 -6.30
CA CYS B 204 12.55 8.47 -5.65
C CYS B 204 11.43 8.68 -6.66
N GLY B 205 10.21 8.56 -6.18
CA GLY B 205 9.04 8.79 -7.00
C GLY B 205 7.73 8.79 -6.24
N GLY B 206 6.87 9.75 -6.56
CA GLY B 206 5.48 9.71 -6.16
C GLY B 206 4.68 9.17 -7.34
N LEU B 207 3.98 8.07 -7.10
CA LEU B 207 3.19 7.36 -8.09
C LEU B 207 1.86 6.99 -7.48
N PRO B 208 0.93 6.48 -8.29
CA PRO B 208 -0.26 5.84 -7.71
C PRO B 208 0.11 4.55 -7.01
N ALA B 209 -0.70 4.21 -6.03
CA ALA B 209 -0.63 2.87 -5.49
C ALA B 209 -0.89 1.90 -6.65
N PRO B 210 -0.30 0.70 -6.60
CA PRO B 210 -0.34 -0.16 -7.80
C PRO B 210 -1.76 -0.51 -8.25
N GLU B 211 -2.75 -0.50 -7.35
CA GLU B 211 -4.12 -0.83 -7.78
C GLU B 211 -4.72 0.25 -8.67
N HIS B 212 -4.09 1.41 -8.77
CA HIS B 212 -4.58 2.50 -9.61
C HIS B 212 -3.61 2.78 -10.75
N SER B 213 -2.90 1.76 -11.20
CA SER B 213 -1.89 1.93 -12.23
C SER B 213 -2.33 1.41 -13.60
N ASN B 214 -3.63 1.18 -13.81
CA ASN B 214 -4.08 0.61 -15.09
CA ASN B 214 -4.11 0.60 -15.06
C ASN B 214 -4.51 1.72 -16.02
N ASN B 215 -3.52 2.38 -16.60
CA ASN B 215 -3.76 3.31 -17.70
C ASN B 215 -2.50 3.33 -18.55
N PRO B 216 -2.58 3.90 -19.75
CA PRO B 216 -1.42 3.84 -20.65
C PRO B 216 -0.14 4.40 -20.05
N LEU B 217 -0.22 5.45 -19.23
CA LEU B 217 0.99 6.03 -18.62
C LEU B 217 1.32 5.39 -17.29
N ARG B 218 0.45 4.55 -16.74
CA ARG B 218 0.61 3.97 -15.40
C ARG B 218 0.82 5.06 -14.36
N TYR B 219 0.15 6.19 -14.55
CA TYR B 219 0.43 7.34 -13.70
C TYR B 219 -0.84 8.14 -13.48
N LYS B 220 -0.86 8.87 -12.37
CA LYS B 220 -1.89 9.85 -12.07
C LYS B 220 -1.20 11.06 -11.46
N PHE B 221 -1.68 12.25 -11.78
CA PHE B 221 -0.97 13.49 -11.48
C PHE B 221 -1.52 14.14 -10.21
N SER B 222 -0.62 14.36 -9.25
CA SER B 222 -0.94 15.06 -8.01
C SER B 222 -1.06 16.57 -8.21
N TRP B 223 -0.43 17.11 -9.26
CA TRP B 223 -0.53 18.52 -9.62
C TRP B 223 -0.12 18.64 -11.09
N SER B 224 0.03 19.87 -11.56
CA SER B 224 0.26 20.10 -12.98
C SER B 224 1.55 19.40 -13.45
N PRO B 225 1.49 18.63 -14.54
CA PRO B 225 2.68 17.93 -15.02
C PRO B 225 3.60 18.75 -15.90
N VAL B 226 3.36 20.04 -16.06
CA VAL B 226 4.21 20.83 -16.95
C VAL B 226 5.67 20.62 -16.59
N GLY B 227 5.96 20.54 -15.30
CA GLY B 227 7.34 20.41 -14.86
C GLY B 227 7.93 19.08 -15.28
N VAL B 228 7.20 17.99 -15.05
CA VAL B 228 7.74 16.67 -15.32
C VAL B 228 7.89 16.46 -16.82
N LEU B 229 6.86 16.84 -17.58
CA LEU B 229 6.90 16.68 -19.04
C LEU B 229 8.11 17.37 -19.63
N MET B 230 8.35 18.63 -19.26
CA MET B 230 9.46 19.35 -19.86
C MET B 230 10.81 18.73 -19.49
N ASN B 231 10.93 18.13 -18.29
CA ASN B 231 12.22 17.58 -17.90
C ASN B 231 12.66 16.44 -18.80
N VAL B 232 11.73 15.76 -19.46
CA VAL B 232 12.14 14.73 -20.41
C VAL B 232 12.88 15.34 -21.57
N MET B 233 12.68 16.63 -21.83
CA MET B 233 13.44 17.29 -22.87
C MET B 233 14.78 17.83 -22.38
N GLN B 234 15.02 17.83 -21.08
CA GLN B 234 16.29 18.30 -20.55
C GLN B 234 17.25 17.13 -20.46
N SER B 235 18.53 17.43 -20.61
CA SER B 235 19.56 16.42 -20.44
C SER B 235 19.76 16.06 -18.97
N ALA B 236 20.39 14.91 -18.73
CA ALA B 236 20.75 14.49 -17.38
C ALA B 236 22.26 14.30 -17.28
N THR B 237 22.75 14.55 -16.08
CA THR B 237 24.18 14.46 -15.83
C THR B 237 24.43 13.82 -14.48
N TYR B 238 25.38 12.89 -14.44
CA TYR B 238 25.76 12.28 -13.18
C TYR B 238 27.17 11.72 -13.31
N LEU B 239 27.64 11.09 -12.23
CA LEU B 239 28.97 10.52 -12.11
C LEU B 239 28.87 9.02 -11.85
N LEU B 240 29.65 8.22 -12.60
CA LEU B 240 29.66 6.77 -12.44
C LEU B 240 31.09 6.26 -12.55
N ASP B 241 31.54 5.50 -11.53
CA ASP B 241 32.88 4.90 -11.52
C ASP B 241 33.95 5.92 -11.92
N GLY B 242 33.83 7.15 -11.41
CA GLY B 242 34.80 8.20 -11.65
C GLY B 242 34.60 9.02 -12.90
N LYS B 243 33.75 8.55 -13.82
CA LYS B 243 33.53 9.23 -15.09
C LYS B 243 32.18 9.93 -15.12
N VAL B 244 32.17 11.19 -15.56
CA VAL B 244 30.91 11.93 -15.72
C VAL B 244 30.15 11.44 -16.94
N VAL B 245 28.91 11.04 -16.71
CA VAL B 245 28.04 10.51 -17.75
C VAL B 245 27.04 11.59 -18.13
N ASN B 246 26.78 11.73 -19.44
CA ASN B 246 25.82 12.68 -19.99
C ASN B 246 24.82 11.94 -20.87
N VAL B 247 23.53 12.20 -20.64
CA VAL B 247 22.48 11.64 -21.47
C VAL B 247 21.60 12.80 -21.94
N ALA B 248 21.38 12.87 -23.25
CA ALA B 248 20.59 13.94 -23.84
C ALA B 248 19.11 13.61 -23.76
N GLY B 249 18.29 14.65 -23.64
CA GLY B 249 16.84 14.49 -23.53
C GLY B 249 16.16 14.23 -24.87
N GLY B 250 14.87 14.56 -24.91
CA GLY B 250 14.13 14.34 -26.14
C GLY B 250 13.93 12.86 -26.43
N ILE B 251 13.97 12.52 -27.72
CA ILE B 251 13.58 11.18 -28.16
C ILE B 251 14.49 10.10 -27.60
N SER B 252 15.77 10.40 -27.44
CA SER B 252 16.70 9.35 -27.04
C SER B 252 16.73 9.11 -25.54
N PHE B 253 16.05 9.93 -24.75
CA PHE B 253 16.10 9.75 -23.31
C PHE B 253 15.52 8.40 -22.88
N LEU B 254 14.67 7.80 -23.72
CA LEU B 254 14.13 6.49 -23.38
C LEU B 254 15.22 5.42 -23.24
N ASP B 255 16.38 5.62 -23.87
CA ASP B 255 17.45 4.64 -23.76
C ASP B 255 18.07 4.63 -22.37
N ALA B 256 18.04 5.76 -21.68
CA ALA B 256 18.53 5.81 -20.32
C ALA B 256 17.60 5.09 -19.33
N VAL B 257 16.33 4.90 -19.67
CA VAL B 257 15.38 4.25 -18.77
C VAL B 257 15.80 2.81 -18.49
N THR B 258 15.64 2.40 -17.23
CA THR B 258 16.14 1.12 -16.75
C THR B 258 15.12 0.48 -15.80
N SER B 259 15.27 -0.82 -15.61
CA SER B 259 14.40 -1.60 -14.74
C SER B 259 14.86 -1.51 -13.28
N MET B 260 13.94 -1.17 -12.40
CA MET B 260 14.22 -1.11 -10.96
C MET B 260 13.59 -2.32 -10.30
N ASP B 261 14.42 -3.33 -10.01
CA ASP B 261 13.92 -4.58 -9.46
C ASP B 261 14.16 -4.70 -7.97
N PHE B 262 13.98 -3.61 -7.22
CA PHE B 262 14.08 -3.70 -5.78
C PHE B 262 13.11 -4.75 -5.25
N PHE B 263 11.88 -4.71 -5.74
CA PHE B 263 10.78 -5.48 -5.16
C PHE B 263 10.18 -6.43 -6.17
N PRO B 264 10.30 -7.74 -6.00
CA PRO B 264 9.72 -8.65 -6.99
C PRO B 264 8.24 -8.37 -7.23
N GLY B 265 7.53 -7.84 -6.24
CA GLY B 265 6.12 -7.56 -6.43
C GLY B 265 5.76 -6.30 -7.21
N LEU B 266 6.73 -5.42 -7.49
CA LEU B 266 6.48 -4.12 -8.08
C LEU B 266 7.22 -3.98 -9.40
N ASN B 267 6.54 -3.43 -10.42
CA ASN B 267 7.13 -3.24 -11.75
C ASN B 267 7.52 -1.77 -11.94
N LEU B 268 8.74 -1.46 -11.51
CA LEU B 268 9.27 -0.11 -11.48
C LEU B 268 10.32 0.07 -12.56
N GLU B 269 10.33 1.25 -13.18
CA GLU B 269 11.43 1.71 -14.02
C GLU B 269 12.05 2.95 -13.41
N GLY B 270 13.34 3.19 -13.71
CA GLY B 270 14.03 4.35 -13.18
C GLY B 270 14.82 5.05 -14.27
N TYR B 271 15.14 6.33 -14.01
CA TYR B 271 15.96 7.10 -14.95
C TYR B 271 16.58 8.28 -14.21
N PRO B 272 17.70 8.79 -14.71
CA PRO B 272 18.42 9.86 -13.99
C PRO B 272 17.76 11.22 -14.07
N ASN B 273 17.93 12.01 -13.01
CA ASN B 273 17.43 13.38 -12.90
C ASN B 273 18.29 14.35 -13.70
N ARG B 274 17.93 15.63 -13.66
CA ARG B 274 18.64 16.59 -14.49
C ARG B 274 20.11 16.69 -14.05
N ASP B 275 20.34 16.82 -12.74
CA ASP B 275 21.69 16.96 -12.22
C ASP B 275 21.89 16.11 -10.98
N SER B 276 22.79 15.14 -11.06
CA SER B 276 23.17 14.34 -9.90
C SER B 276 24.46 14.81 -9.25
N THR B 277 25.44 15.24 -10.04
CA THR B 277 26.75 15.63 -9.53
C THR B 277 26.69 16.77 -8.49
N LYS B 278 25.68 17.65 -8.57
CA LYS B 278 25.62 18.72 -7.59
C LYS B 278 25.56 18.19 -6.16
N TYR B 279 25.19 16.94 -5.96
CA TYR B 279 24.99 16.47 -4.59
C TYR B 279 26.31 16.23 -3.87
N ALA B 280 27.43 16.16 -4.58
CA ALA B 280 28.71 16.08 -3.88
C ALA B 280 28.92 17.28 -2.96
N GLU B 281 28.55 18.47 -3.40
CA GLU B 281 28.75 19.62 -2.53
C GLU B 281 27.67 19.67 -1.45
N ILE B 282 26.45 19.30 -1.82
CA ILE B 282 25.33 19.43 -0.90
C ILE B 282 25.51 18.48 0.29
N TYR B 283 26.03 17.28 0.05
CA TYR B 283 26.14 16.29 1.11
C TYR B 283 27.55 16.12 1.64
N GLY B 284 28.54 16.78 1.05
CA GLY B 284 29.90 16.62 1.53
C GLY B 284 30.54 15.32 1.11
N ILE B 285 30.24 14.81 -0.09
CA ILE B 285 30.74 13.51 -0.52
C ILE B 285 31.50 13.64 -1.83
N SER B 286 32.39 14.62 -1.94
CA SER B 286 33.25 14.69 -3.13
C SER B 286 34.09 13.44 -3.26
N SER B 287 34.19 12.64 -2.21
CA SER B 287 35.01 11.45 -2.28
C SER B 287 34.40 10.35 -3.14
N ALA B 288 33.09 10.37 -3.34
CA ALA B 288 32.43 9.25 -4.01
C ALA B 288 32.78 9.22 -5.49
N HIS B 289 32.86 7.99 -6.04
CA HIS B 289 33.06 7.81 -7.47
C HIS B 289 31.77 7.71 -8.25
N THR B 290 30.64 7.54 -7.56
CA THR B 290 29.34 7.41 -8.22
C THR B 290 28.34 8.26 -7.48
N LEU B 291 27.68 9.17 -8.21
CA LEU B 291 26.58 9.98 -7.70
C LEU B 291 25.46 9.93 -8.73
N LEU B 292 24.30 9.45 -8.32
CA LEU B 292 23.18 9.33 -9.24
C LEU B 292 21.90 9.42 -8.44
N ARG B 293 21.08 10.43 -8.70
CA ARG B 293 19.72 10.48 -8.18
C ARG B 293 18.76 10.39 -9.34
N GLY B 294 17.66 9.65 -9.16
CA GLY B 294 16.77 9.34 -10.24
C GLY B 294 15.31 9.28 -9.80
N THR B 295 14.45 9.16 -10.80
CA THR B 295 13.01 9.12 -10.61
C THR B 295 12.47 7.73 -10.92
N LEU B 296 11.43 7.35 -10.17
CA LEU B 296 10.78 6.05 -10.30
C LEU B 296 9.39 6.21 -10.87
N ARG B 297 9.03 5.31 -11.79
CA ARG B 297 7.72 5.25 -12.40
C ARG B 297 7.35 3.79 -12.57
N TYR B 298 6.14 3.52 -13.00
CA TYR B 298 5.81 2.15 -13.35
C TYR B 298 6.29 1.84 -14.75
N LYS B 299 6.64 0.57 -14.96
CA LYS B 299 7.15 0.17 -16.27
C LYS B 299 6.20 0.55 -17.40
N GLY B 300 6.74 1.24 -18.40
CA GLY B 300 5.97 1.67 -19.54
C GLY B 300 5.63 3.14 -19.55
N TYR B 301 5.88 3.85 -18.46
CA TYR B 301 5.56 5.27 -18.40
C TYR B 301 6.43 6.06 -19.38
N MET B 302 7.75 5.90 -19.31
CA MET B 302 8.60 6.71 -20.17
C MET B 302 8.36 6.40 -21.64
N LYS B 303 8.13 5.13 -21.97
CA LYS B 303 7.79 4.81 -23.35
C LYS B 303 6.54 5.56 -23.79
N ALA B 304 5.49 5.54 -22.97
CA ALA B 304 4.27 6.28 -23.30
C ALA B 304 4.56 7.78 -23.46
N LEU B 305 5.39 8.33 -22.57
CA LEU B 305 5.79 9.73 -22.72
C LEU B 305 6.62 9.93 -23.97
N ASN B 306 7.45 8.94 -24.31
CA ASN B 306 8.25 8.99 -25.53
C ASN B 306 7.38 9.22 -26.76
N GLY B 307 6.14 8.70 -26.77
CA GLY B 307 5.25 8.97 -27.88
C GLY B 307 4.91 10.44 -28.02
N PHE B 308 4.48 11.07 -26.91
CA PHE B 308 4.16 12.49 -26.95
C PHE B 308 5.30 13.32 -27.50
N VAL B 309 6.54 12.92 -27.17
CA VAL B 309 7.69 13.66 -27.67
C VAL B 309 7.85 13.45 -29.17
N LYS B 310 7.81 12.19 -29.62
CA LYS B 310 7.82 11.89 -31.06
C LYS B 310 6.77 12.71 -31.80
N LEU B 311 5.57 12.85 -31.21
CA LEU B 311 4.52 13.62 -31.88
C LEU B 311 4.71 15.12 -31.77
N GLY B 312 5.70 15.59 -31.03
CA GLY B 312 5.87 17.02 -30.86
C GLY B 312 4.90 17.70 -29.92
N LEU B 313 4.31 16.97 -28.97
CA LEU B 313 3.39 17.56 -28.01
C LEU B 313 4.09 18.28 -26.86
N ILE B 314 5.33 17.90 -26.54
CA ILE B 314 6.10 18.53 -25.46
C ILE B 314 6.80 19.73 -26.06
N ASN B 315 6.05 20.79 -26.32
CA ASN B 315 6.52 21.95 -27.07
C ASN B 315 5.98 23.24 -26.45
N ARG B 316 6.85 24.22 -26.27
CA ARG B 316 6.49 25.47 -25.61
C ARG B 316 5.99 26.54 -26.59
N GLU B 317 5.97 26.26 -27.88
CA GLU B 317 5.43 27.20 -28.86
C GLU B 317 3.92 27.33 -28.68
N ALA B 318 3.34 28.30 -29.37
CA ALA B 318 1.93 28.55 -29.14
C ALA B 318 1.08 27.58 -29.93
N LEU B 319 -0.18 27.58 -29.58
CA LEU B 319 -1.18 26.75 -30.23
C LEU B 319 -1.65 27.42 -31.52
N PRO B 320 -1.86 26.62 -32.57
CA PRO B 320 -2.44 27.09 -33.84
C PRO B 320 -3.93 27.39 -33.72
N PRO B 328 -12.62 27.20 -33.07
CA PRO B 328 -13.04 26.02 -32.32
C PRO B 328 -12.12 24.79 -32.51
N LEU B 329 -10.95 24.77 -31.85
CA LEU B 329 -9.91 23.78 -32.11
C LEU B 329 -10.10 22.50 -31.29
N THR B 330 -9.88 21.35 -31.95
CA THR B 330 -10.03 20.01 -31.39
C THR B 330 -8.70 19.27 -31.36
N TRP B 331 -8.66 18.19 -30.57
CA TRP B 331 -7.42 17.43 -30.47
C TRP B 331 -7.06 16.77 -31.79
N LYS B 332 -8.05 16.18 -32.47
CA LYS B 332 -7.77 15.62 -33.79
C LYS B 332 -7.28 16.71 -34.72
N GLN B 333 -7.85 17.91 -34.62
CA GLN B 333 -7.40 19.00 -35.48
C GLN B 333 -5.97 19.43 -35.12
N LEU B 334 -5.72 19.67 -33.84
CA LEU B 334 -4.36 20.04 -33.45
C LEU B 334 -3.36 18.94 -33.79
N LEU B 335 -3.75 17.67 -33.62
CA LEU B 335 -2.79 16.59 -33.84
C LEU B 335 -2.48 16.41 -35.32
N CYS B 336 -3.42 16.77 -36.20
CA CYS B 336 -3.14 16.73 -37.64
C CYS B 336 -2.07 17.75 -38.02
N ASP B 337 -2.18 18.97 -37.48
CA ASP B 337 -1.16 19.99 -37.70
C ASP B 337 0.23 19.54 -37.26
N LEU B 338 0.30 18.64 -36.27
CA LEU B 338 1.58 18.19 -35.76
C LEU B 338 2.19 17.06 -36.57
N VAL B 339 1.44 16.45 -37.47
CA VAL B 339 1.99 15.35 -38.23
C VAL B 339 2.19 15.74 -39.67
N SER B 342 -1.31 14.88 -41.83
CA SER B 342 -1.78 16.11 -42.45
C SER B 342 -3.09 16.65 -41.85
N PRO B 343 -3.30 17.97 -41.96
CA PRO B 343 -4.52 18.73 -41.58
C PRO B 343 -5.67 18.54 -42.55
N SER B 344 -6.88 18.89 -42.13
CA SER B 344 -7.05 19.63 -40.88
C SER B 344 -7.84 18.98 -39.73
N SER B 345 -8.51 17.80 -39.84
CA SER B 345 -8.99 17.01 -40.99
C SER B 345 -7.96 16.08 -41.69
N GLU B 346 -8.47 14.96 -42.21
CA GLU B 346 -9.90 14.71 -42.16
C GLU B 346 -10.30 13.44 -41.42
N HIS B 347 -10.14 12.28 -42.06
CA HIS B 347 -10.70 11.02 -41.57
C HIS B 347 -9.79 10.38 -40.53
N ASP B 348 -10.43 9.75 -39.52
CA ASP B 348 -9.68 9.23 -38.38
C ASP B 348 -8.67 8.17 -38.82
N VAL B 349 -9.10 7.23 -39.66
CA VAL B 349 -8.22 6.14 -40.05
C VAL B 349 -7.01 6.70 -40.80
N LEU B 350 -7.19 7.85 -41.45
CA LEU B 350 -6.04 8.52 -42.07
C LEU B 350 -5.04 8.97 -41.02
N LYS B 351 -5.50 9.72 -40.00
CA LYS B 351 -4.59 10.14 -38.94
C LYS B 351 -3.98 8.95 -38.23
N GLU B 352 -4.80 7.93 -37.93
CA GLU B 352 -4.30 6.80 -37.16
C GLU B 352 -3.10 6.16 -37.84
N ALA B 353 -3.20 5.90 -39.15
CA ALA B 353 -2.05 5.37 -39.86
C ALA B 353 -0.89 6.37 -39.88
N VAL B 354 -1.19 7.68 -39.89
CA VAL B 354 -0.13 8.68 -39.98
C VAL B 354 0.51 8.88 -38.60
N LEU B 355 -0.30 8.91 -37.56
CA LEU B 355 0.24 8.87 -36.21
C LEU B 355 1.16 7.68 -36.06
N LYS B 356 0.74 6.54 -36.61
CA LYS B 356 1.50 5.31 -36.51
C LYS B 356 2.85 5.47 -37.17
N LYS B 357 2.94 6.35 -38.17
CA LYS B 357 4.18 6.56 -38.89
C LYS B 357 5.30 7.02 -37.96
N LEU B 358 5.05 8.04 -37.15
CA LEU B 358 5.99 8.49 -36.12
C LEU B 358 6.01 7.41 -35.03
N GLY B 359 6.81 6.38 -35.28
CA GLY B 359 6.87 5.15 -34.51
C GLY B 359 7.85 4.21 -35.19
N GLY B 360 7.35 3.13 -35.77
CA GLY B 360 5.94 2.87 -35.71
C GLY B 360 5.53 1.89 -34.62
N ASP B 361 5.51 2.35 -33.36
CA ASP B 361 5.03 1.56 -32.23
C ASP B 361 3.55 1.85 -31.97
N ASN B 362 2.69 0.86 -32.15
CA ASN B 362 1.26 1.09 -31.97
C ASN B 362 0.92 1.24 -30.49
N THR B 363 1.69 0.59 -29.61
CA THR B 363 1.48 0.76 -28.18
C THR B 363 1.46 2.25 -27.79
N GLN B 364 2.39 3.05 -28.34
CA GLN B 364 2.35 4.49 -28.09
C GLN B 364 1.10 5.10 -28.72
N LEU B 365 0.63 4.53 -29.82
CA LEU B 365 -0.62 5.00 -30.42
C LEU B 365 -1.82 4.64 -29.55
N GLU B 366 -1.79 3.46 -28.91
CA GLU B 366 -2.90 3.11 -28.02
C GLU B 366 -3.07 4.15 -26.92
N ALA B 367 -1.97 4.72 -26.42
CA ALA B 367 -2.09 5.72 -25.36
C ALA B 367 -2.74 7.01 -25.86
N ALA B 368 -2.47 7.41 -27.11
CA ALA B 368 -2.96 8.68 -27.62
C ALA B 368 -4.48 8.70 -27.80
N GLU B 369 -5.04 7.68 -28.47
CA GLU B 369 -6.49 7.59 -28.60
C GLU B 369 -7.13 7.48 -27.22
N TRP B 370 -6.54 6.67 -26.35
CA TRP B 370 -7.11 6.46 -25.02
C TRP B 370 -7.29 7.78 -24.31
N LEU B 371 -6.36 8.72 -24.52
CA LEU B 371 -6.44 10.05 -23.93
C LEU B 371 -7.33 10.99 -24.71
N GLY B 372 -7.76 10.60 -25.90
CA GLY B 372 -8.63 11.43 -26.72
C GLY B 372 -7.91 12.39 -27.61
N LEU B 373 -6.61 12.19 -27.82
CA LEU B 373 -5.81 13.10 -28.62
C LEU B 373 -6.09 12.96 -30.11
N LEU B 374 -6.76 11.89 -30.52
CA LEU B 374 -7.26 11.73 -31.88
C LEU B 374 -8.74 12.04 -32.01
N GLY B 375 -9.39 12.50 -30.94
CA GLY B 375 -10.82 12.69 -30.91
C GLY B 375 -11.26 14.11 -31.18
N ASP B 376 -12.58 14.27 -31.23
CA ASP B 376 -13.22 15.56 -31.49
C ASP B 376 -13.19 16.49 -30.30
N GLU B 377 -12.66 16.04 -29.17
CA GLU B 377 -12.66 16.85 -27.97
C GLU B 377 -11.85 18.12 -28.20
N GLN B 378 -12.28 19.21 -27.56
CA GLN B 378 -11.63 20.50 -27.74
C GLN B 378 -10.31 20.57 -26.99
N VAL B 379 -9.30 21.14 -27.64
CA VAL B 379 -8.04 21.41 -26.95
C VAL B 379 -8.26 22.54 -25.96
N PRO B 380 -7.72 22.46 -24.73
CA PRO B 380 -7.86 23.60 -23.79
C PRO B 380 -7.15 24.85 -24.29
N GLN B 381 -7.67 26.02 -23.88
CA GLN B 381 -6.97 27.27 -24.15
C GLN B 381 -5.65 27.28 -23.37
N ALA B 382 -4.56 27.63 -24.06
CA ALA B 382 -3.25 27.59 -23.42
C ALA B 382 -2.26 28.39 -24.25
N GLU B 383 -1.16 28.75 -23.60
CA GLU B 383 -0.13 29.55 -24.23
C GLU B 383 0.78 28.72 -25.12
N SER B 384 0.70 27.40 -25.01
CA SER B 384 1.57 26.53 -25.77
C SER B 384 0.89 25.19 -25.98
N ILE B 385 1.46 24.40 -26.90
CA ILE B 385 0.98 23.07 -27.19
C ILE B 385 1.08 22.20 -25.93
N LEU B 386 2.26 22.17 -25.30
CA LEU B 386 2.41 21.60 -23.97
C LEU B 386 1.43 22.35 -23.10
N ASP B 387 1.36 22.10 -21.80
CA ASP B 387 0.44 22.93 -21.04
C ASP B 387 -0.98 22.62 -21.47
N ALA B 388 -1.24 22.68 -22.77
CA ALA B 388 -2.50 22.17 -23.26
C ALA B 388 -2.56 20.68 -22.99
N LEU B 389 -1.47 19.98 -23.32
CA LEU B 389 -1.36 18.56 -23.00
C LEU B 389 -1.45 18.34 -21.51
N SER B 390 -0.74 19.16 -20.74
CA SER B 390 -0.80 19.06 -19.29
C SER B 390 -2.22 19.22 -18.78
N LYS B 391 -2.91 20.27 -19.23
CA LYS B 391 -4.26 20.50 -18.77
C LYS B 391 -5.16 19.33 -19.15
N HIS B 392 -4.89 18.72 -20.31
CA HIS B 392 -5.68 17.56 -20.72
C HIS B 392 -5.36 16.38 -19.83
N LEU B 393 -4.07 16.08 -19.65
CA LEU B 393 -3.67 15.02 -18.73
C LEU B 393 -4.28 15.24 -17.35
N VAL B 394 -4.40 16.47 -16.91
CA VAL B 394 -5.01 16.71 -15.61
C VAL B 394 -6.50 16.37 -15.65
N MET B 395 -7.17 16.73 -16.74
CA MET B 395 -8.59 16.45 -16.84
C MET B 395 -8.86 14.96 -16.89
N LYS B 396 -7.90 14.17 -17.41
CA LYS B 396 -8.14 12.75 -17.67
C LYS B 396 -7.46 11.80 -16.70
N LEU B 397 -6.46 12.24 -15.93
CA LEU B 397 -5.71 11.34 -15.08
C LEU B 397 -5.42 11.98 -13.73
N SER B 398 -6.36 12.72 -13.18
CA SER B 398 -6.21 13.17 -11.81
C SER B 398 -6.70 12.08 -10.87
N TYR B 399 -6.37 12.26 -9.60
CA TYR B 399 -6.76 11.31 -8.58
C TYR B 399 -8.24 11.50 -8.26
N GLY B 400 -8.99 10.39 -8.23
CA GLY B 400 -10.34 10.40 -7.73
C GLY B 400 -10.35 10.44 -6.22
N PRO B 401 -11.54 10.67 -5.66
CA PRO B 401 -11.64 10.78 -4.19
C PRO B 401 -11.41 9.45 -3.46
N GLU B 402 -11.32 8.33 -4.15
CA GLU B 402 -11.06 7.05 -3.50
C GLU B 402 -9.84 6.36 -4.06
N GLU B 403 -8.90 7.11 -4.61
CA GLU B 403 -7.71 6.54 -5.19
C GLU B 403 -6.51 6.81 -4.29
N LYS B 404 -5.58 5.89 -4.28
CA LYS B 404 -4.44 5.93 -3.36
C LYS B 404 -3.20 6.28 -4.14
N ASP B 405 -2.40 7.18 -3.59
CA ASP B 405 -1.10 7.49 -4.17
C ASP B 405 -0.01 6.80 -3.36
N MET B 406 1.24 6.97 -3.80
CA MET B 406 2.34 6.22 -3.23
C MET B 406 3.60 7.09 -3.30
N ILE B 407 4.49 6.87 -2.33
CA ILE B 407 5.84 7.40 -2.36
C ILE B 407 6.76 6.21 -2.23
N VAL B 408 7.78 6.14 -3.09
CA VAL B 408 8.76 5.06 -3.04
C VAL B 408 10.16 5.67 -3.09
N MET B 409 11.03 5.29 -2.16
CA MET B 409 12.34 5.92 -2.03
C MET B 409 13.38 4.89 -1.62
N ARG B 410 14.41 4.71 -2.42
CA ARG B 410 15.50 3.80 -2.10
C ARG B 410 16.85 4.49 -2.27
N ASP B 411 17.66 4.47 -1.22
CA ASP B 411 19.03 4.97 -1.30
C ASP B 411 19.98 3.79 -1.15
N SER B 412 21.12 3.88 -1.83
CA SER B 412 22.15 2.84 -1.76
C SER B 412 23.55 3.45 -1.66
N PHE B 413 24.22 3.20 -0.52
CA PHE B 413 25.63 3.53 -0.22
C PHE B 413 26.40 2.20 -0.13
N GLY B 414 27.68 2.04 -0.51
CA GLY B 414 28.63 3.06 -0.90
C GLY B 414 29.70 3.38 0.13
N ILE B 415 29.87 2.59 1.19
CA ILE B 415 30.58 3.03 2.39
C ILE B 415 31.84 2.23 2.62
N ARG B 416 33.00 2.91 2.56
CA ARG B 416 34.28 2.29 2.89
C ARG B 416 34.70 2.62 4.32
N HIS B 417 34.92 1.51 5.20
CA HIS B 417 35.32 1.74 6.57
C HIS B 417 36.84 1.70 6.74
N PRO B 418 37.33 2.43 7.75
CA PRO B 418 38.77 2.47 8.01
C PRO B 418 39.37 1.07 8.20
N SER B 419 38.56 0.07 8.53
CA SER B 419 39.09 -1.29 8.49
C SER B 419 39.37 -1.76 7.06
N GLY B 420 38.86 -1.04 6.05
CA GLY B 420 39.10 -1.37 4.66
C GLY B 420 37.95 -2.07 3.97
N HIS B 421 36.99 -2.61 4.72
CA HIS B 421 35.89 -3.34 4.11
C HIS B 421 34.81 -2.38 3.57
N LEU B 422 34.05 -2.86 2.59
CA LEU B 422 33.04 -2.09 1.88
C LEU B 422 31.65 -2.51 2.34
N GLU B 423 30.91 -1.56 2.94
CA GLU B 423 29.54 -1.78 3.38
C GLU B 423 28.56 -1.26 2.33
N HIS B 424 27.61 -2.13 1.93
CA HIS B 424 26.50 -1.71 1.09
C HIS B 424 25.28 -1.52 1.98
N LYS B 425 24.77 -0.30 2.01
CA LYS B 425 23.63 0.07 2.83
C LYS B 425 22.52 0.55 1.90
N THR B 426 21.32 0.04 2.10
CA THR B 426 20.15 0.52 1.39
C THR B 426 19.12 0.97 2.40
N ILE B 427 18.49 2.10 2.10
CA ILE B 427 17.42 2.64 2.94
C ILE B 427 16.16 2.65 2.09
N ASP B 428 15.10 2.04 2.59
CA ASP B 428 13.81 2.00 1.92
C ASP B 428 12.78 2.82 2.68
N LEU B 429 12.01 3.62 1.95
CA LEU B 429 10.89 4.36 2.51
C LEU B 429 9.74 4.29 1.53
N VAL B 430 8.61 3.78 1.99
CA VAL B 430 7.40 3.69 1.17
C VAL B 430 6.21 4.18 1.99
N ALA B 431 5.39 5.02 1.37
CA ALA B 431 4.19 5.51 2.02
C ALA B 431 3.02 5.38 1.05
N TYR B 432 1.83 5.11 1.60
CA TYR B 432 0.60 5.02 0.82
C TYR B 432 -0.39 6.07 1.26
N GLY B 433 -1.14 6.62 0.31
CA GLY B 433 -2.20 7.55 0.67
C GLY B 433 -3.32 6.86 1.42
N ASP B 434 -4.04 7.66 2.20
CA ASP B 434 -5.21 7.20 2.95
C ASP B 434 -6.49 7.79 2.37
N ILE B 435 -7.40 6.92 1.92
CA ILE B 435 -8.66 7.40 1.35
C ILE B 435 -9.37 8.33 2.33
N ASN B 436 -9.41 7.95 3.59
CA ASN B 436 -10.06 8.76 4.62
C ASN B 436 -9.15 9.84 5.20
N GLY B 437 -7.98 10.05 4.62
CA GLY B 437 -7.09 11.06 5.14
C GLY B 437 -6.32 11.78 4.07
N PHE B 438 -5.03 11.94 4.29
CA PHE B 438 -4.12 12.65 3.41
C PHE B 438 -3.40 11.71 2.45
N SER B 439 -3.02 12.25 1.31
CA SER B 439 -2.22 11.52 0.33
C SER B 439 -0.82 11.23 0.87
N ALA B 440 -0.14 10.30 0.20
CA ALA B 440 1.25 10.04 0.52
C ALA B 440 2.11 11.28 0.25
N MET B 441 1.88 11.93 -0.88
CA MET B 441 2.62 13.15 -1.17
C MET B 441 2.34 14.24 -0.13
N ALA B 442 1.09 14.39 0.28
CA ALA B 442 0.78 15.42 1.25
C ALA B 442 1.43 15.12 2.60
N LYS B 443 1.37 13.86 3.04
CA LYS B 443 2.02 13.51 4.30
C LYS B 443 3.51 13.78 4.23
N THR B 444 4.19 13.20 3.23
CA THR B 444 5.64 13.33 3.21
C THR B 444 6.12 14.75 2.97
N VAL B 445 5.28 15.61 2.39
CA VAL B 445 5.66 17.01 2.22
C VAL B 445 5.34 17.82 3.47
N GLY B 446 4.11 17.73 3.97
CA GLY B 446 3.68 18.61 5.04
C GLY B 446 4.17 18.20 6.41
N LEU B 447 4.38 16.91 6.65
CA LEU B 447 4.80 16.49 7.99
C LEU B 447 6.17 17.02 8.37
N PRO B 448 7.21 16.87 7.56
CA PRO B 448 8.53 17.37 7.97
C PRO B 448 8.55 18.89 8.14
N THR B 449 7.78 19.60 7.30
CA THR B 449 7.57 21.04 7.49
C THR B 449 6.92 21.33 8.84
N ALA B 450 5.79 20.67 9.12
CA ALA B 450 5.06 20.94 10.36
C ALA B 450 5.86 20.54 11.58
N MET B 451 6.66 19.48 11.47
CA MET B 451 7.42 19.02 12.64
C MET B 451 8.52 19.99 12.98
N ALA B 452 9.29 20.44 11.98
CA ALA B 452 10.32 21.43 12.25
C ALA B 452 9.69 22.71 12.79
N ALA B 453 8.45 23.00 12.40
CA ALA B 453 7.76 24.16 12.94
C ALA B 453 7.58 24.02 14.44
N LYS B 454 7.10 22.85 14.86
CA LYS B 454 6.91 22.61 16.30
C LYS B 454 8.25 22.66 17.04
N MET B 455 9.30 22.11 16.43
CA MET B 455 10.60 22.13 17.09
C MET B 455 11.06 23.57 17.32
N LEU B 456 10.85 24.46 16.34
CA LEU B 456 11.21 25.86 16.50
C LEU B 456 10.41 26.53 17.61
N LEU B 457 9.10 26.33 17.63
CA LEU B 457 8.26 26.83 18.74
C LEU B 457 8.76 26.31 20.08
N ASP B 458 8.79 24.99 20.23
CA ASP B 458 9.17 24.34 21.48
C ASP B 458 10.65 24.52 21.83
N GLY B 459 11.40 25.25 21.00
CA GLY B 459 12.79 25.58 21.30
C GLY B 459 13.81 24.47 21.13
N GLU B 460 13.62 23.56 20.20
CA GLU B 460 14.54 22.45 20.09
C GLU B 460 15.64 22.68 19.06
N ILE B 461 15.61 23.79 18.34
CA ILE B 461 16.59 24.10 17.30
C ILE B 461 17.30 25.38 17.70
N GLY B 462 18.62 25.28 17.90
CA GLY B 462 19.42 26.43 18.27
C GLY B 462 20.05 27.18 17.11
N ALA B 463 20.20 26.52 15.96
CA ALA B 463 20.84 27.17 14.82
C ALA B 463 20.14 28.47 14.46
N LYS B 464 20.92 29.41 13.94
CA LYS B 464 20.41 30.70 13.46
C LYS B 464 20.89 30.91 12.05
N GLY B 465 20.12 31.64 11.26
CA GLY B 465 20.45 31.91 9.88
C GLY B 465 19.54 31.19 8.90
N LEU B 466 20.01 31.12 7.66
CA LEU B 466 19.29 30.46 6.58
C LEU B 466 19.91 29.09 6.37
N MET B 467 19.09 28.04 6.49
CA MET B 467 19.61 26.67 6.52
C MET B 467 18.57 25.71 5.97
N GLY B 468 19.07 24.58 5.50
CA GLY B 468 18.27 23.41 5.20
C GLY B 468 18.33 22.44 6.36
N PRO B 469 17.73 21.22 6.20
CA PRO B 469 17.63 20.26 7.31
C PRO B 469 18.80 19.26 7.37
N PHE B 470 20.02 19.77 7.20
CA PHE B 470 21.17 18.88 7.03
C PHE B 470 21.81 18.51 8.34
N SER B 471 21.54 19.25 9.40
CA SER B 471 22.18 19.02 10.68
C SER B 471 21.36 18.04 11.51
N LYS B 472 22.08 17.17 12.24
CA LYS B 472 21.42 16.18 13.08
C LYS B 472 20.39 16.81 13.99
N GLU B 473 20.63 18.04 14.45
CA GLU B 473 19.68 18.78 15.28
C GLU B 473 18.31 18.85 14.64
N ILE B 474 18.24 18.92 13.31
CA ILE B 474 16.96 19.05 12.65
C ILE B 474 16.50 17.70 12.15
N TYR B 475 17.33 17.05 11.33
CA TYR B 475 16.86 15.83 10.68
C TYR B 475 16.66 14.71 11.68
N GLY B 476 17.46 14.67 12.75
CA GLY B 476 17.35 13.63 13.75
C GLY B 476 15.97 13.50 14.35
N PRO B 477 15.55 14.53 15.08
CA PRO B 477 14.20 14.47 15.68
C PRO B 477 13.11 14.30 14.64
N ILE B 478 13.21 14.98 13.49
CA ILE B 478 12.18 14.83 12.46
C ILE B 478 12.06 13.37 12.02
N LEU B 479 13.18 12.75 11.64
CA LEU B 479 13.14 11.37 11.20
C LEU B 479 12.52 10.46 12.26
N GLU B 480 12.88 10.65 13.54
CA GLU B 480 12.30 9.84 14.61
C GLU B 480 10.79 10.00 14.69
N ARG B 481 10.31 11.24 14.62
CA ARG B 481 8.89 11.49 14.78
C ARG B 481 8.10 11.16 13.53
N ILE B 482 8.78 11.05 12.39
CA ILE B 482 8.08 10.62 11.17
C ILE B 482 7.63 9.17 11.32
N LYS B 483 8.55 8.31 11.79
CA LYS B 483 8.20 6.92 12.00
C LYS B 483 6.94 6.79 12.85
N ALA B 484 6.82 7.60 13.90
CA ALA B 484 5.64 7.61 14.76
C ALA B 484 4.34 7.92 14.01
N GLU B 485 4.42 8.48 12.81
CA GLU B 485 3.24 8.75 12.01
C GLU B 485 2.95 7.61 11.03
N GLY B 486 3.64 6.48 11.21
CA GLY B 486 3.46 5.32 10.37
C GLY B 486 4.31 5.32 9.12
N ILE B 487 5.05 6.39 8.87
CA ILE B 487 5.94 6.50 7.71
C ILE B 487 7.26 5.86 8.12
N ILE B 488 7.50 4.65 7.64
CA ILE B 488 8.64 3.86 8.08
C ILE B 488 9.66 3.79 6.96
N TYR B 489 10.91 4.06 7.31
CA TYR B 489 12.03 3.73 6.46
C TYR B 489 12.89 2.70 7.18
N THR B 490 13.49 1.78 6.43
CA THR B 490 14.26 0.69 7.00
C THR B 490 15.63 0.65 6.35
N THR B 491 16.63 0.24 7.12
CA THR B 491 18.00 0.21 6.66
C THR B 491 18.48 -1.23 6.62
N GLN B 492 19.39 -1.50 5.70
CA GLN B 492 19.93 -2.85 5.55
C GLN B 492 21.34 -2.75 5.00
N SER B 493 22.28 -3.45 5.62
CA SER B 493 23.66 -3.43 5.17
C SER B 493 24.16 -4.85 4.94
N THR B 494 25.17 -4.97 4.09
CA THR B 494 25.83 -6.24 3.85
C THR B 494 27.24 -5.96 3.35
N ILE B 495 28.03 -7.03 3.25
CA ILE B 495 29.37 -6.90 2.74
C ILE B 495 29.59 -7.89 1.61
#